data_8YJQ
#
_entry.id   8YJQ
#
_cell.length_a   1.00
_cell.length_b   1.00
_cell.length_c   1.00
_cell.angle_alpha   90.00
_cell.angle_beta   90.00
_cell.angle_gamma   90.00
#
_symmetry.space_group_name_H-M   'P 1'
#
loop_
_entity.id
_entity.type
_entity.pdbx_description
1 polymer 'Flap endonuclease 1'
2 polymer 'Proliferating cell nuclear antigen'
3 polymer 'upstream DNA'
4 polymer 'parent strand'
5 polymer 'downstream DNA'
6 polymer '5 prime flap DNA'
#
loop_
_entity_poly.entity_id
_entity_poly.type
_entity_poly.pdbx_seq_one_letter_code
_entity_poly.pdbx_strand_id
1 'polypeptide(L)'
;MGIQGLAKLIADVAPSAIRENDIKSYFGRKVAIDASMSIYQFLIAVRQGGDVLQNEEGETTSHLMGMFYRTIRMMENGIK
PVYVFDGKPPQLKSGELAKRSERRAEAEKQLQQAQAAGAEQEVEKFTKRLVKVTKQHNDECKHLLSLMGIPYLDAPSEAE
ASCAALVKAGKVYAAATEDMDCLTFGSPVLMRHLTASEAKKLPIQEFHLSRILQELGLNQEQFVDLCILLGSDYCESIRG
IGPKRAVDLIQKHKSIEEIVRRLDPNKYPVPENWLHKEAHQLFLEPEVLDPESVELKWSEPNEEELIKFMCGEKQFSEER
IRSGVKRLSKSRQGSTQGRLDDFFKVTGSLSSAKRKEPEPKGSTKKKAKTGAAGKFKRGK
;
D
2 'polypeptide(L)'
;MFEARLVQGSILKKVLEALKDLINEACWDISSSGVNLQSMDSSHVSLVQLTLRSEGFDTYRCDRNLAMGVNLTSMSKILK
CAGNEDIITLRAEDNADTLALVFEAPNQEKVSDYEMKLMDLDVEQLGIPEQEYSCVVKMPSGEFARICRDLSHIGDAVVI
SCAKDGVKFSASGELGNGNIKLSQTSNVDKEEEAVTIEMNEPVQLTFALRYLNFFTKATPLSSTVTLSMSADVPLVVEYK
IADMGHLKYYLAPKIEDEEGS
;
A,C,B
3 'polydeoxyribonucleotide' (DT)(DT)(DT)(DT)(DT)(DT)(DT)(DT)(DT)(DA)(DA)(DT)(DA)(DA)(DT)(DT)(DT) J
4 'polydeoxyribonucleotide'
;(DA)(DT)(DT)(DA)(DA)(DA)(DA)(DA)(DT)(DT)(DA)(DT)(DA)(DA)(DT)(DT)(DA)(DT)(DT)(DA)
(DA)(DA)(DA)(DA)(DA)(DA)(DA)(DA)
;
E
5 'polydeoxyribonucleotide' (DA)(DA)(DT)(DT)(DT)(DT)(DT)(DA)(DA)(DT) F
6 'polydeoxyribonucleotide' (DT)(DT)(DA)(DT) H
#
# COMPACT_ATOMS: atom_id res chain seq x y z
N GLY A 2 -13.80 -8.50 -34.51
CA GLY A 2 -14.99 -7.67 -34.49
C GLY A 2 -14.92 -6.51 -35.46
N ILE A 3 -15.28 -5.33 -34.98
CA ILE A 3 -15.24 -4.11 -35.80
C ILE A 3 -13.81 -3.64 -35.91
N GLN A 4 -13.38 -3.32 -37.13
CA GLN A 4 -12.01 -2.87 -37.36
C GLN A 4 -11.81 -1.44 -36.87
N GLY A 5 -11.39 -1.30 -35.61
CA GLY A 5 -10.99 -0.01 -35.08
C GLY A 5 -12.11 0.96 -34.78
N LEU A 6 -13.21 0.50 -34.19
CA LEU A 6 -14.20 1.44 -33.67
C LEU A 6 -13.71 2.09 -32.39
N ALA A 7 -12.96 1.34 -31.57
CA ALA A 7 -12.47 1.87 -30.29
C ALA A 7 -11.39 2.92 -30.49
N LYS A 8 -10.53 2.72 -31.50
CA LYS A 8 -9.51 3.70 -31.85
C LYS A 8 -10.14 4.97 -32.43
N LEU A 9 -11.22 4.79 -33.21
CA LEU A 9 -11.97 5.91 -33.77
C LEU A 9 -12.68 6.71 -32.67
N ILE A 10 -13.23 6.01 -31.68
CA ILE A 10 -13.93 6.67 -30.57
C ILE A 10 -12.93 7.40 -29.67
N ALA A 11 -11.78 6.78 -29.41
CA ALA A 11 -10.75 7.44 -28.61
C ALA A 11 -10.04 8.57 -29.35
N ASP A 12 -10.07 8.59 -30.69
CA ASP A 12 -9.46 9.66 -31.46
C ASP A 12 -10.47 10.64 -32.03
N VAL A 13 -11.76 10.49 -31.72
CA VAL A 13 -12.79 11.43 -32.14
C VAL A 13 -13.55 11.99 -30.94
N ALA A 14 -14.05 11.12 -30.06
CA ALA A 14 -14.87 11.53 -28.92
C ALA A 14 -14.25 11.00 -27.64
N PRO A 15 -13.27 11.69 -27.08
CA PRO A 15 -12.64 11.22 -25.84
C PRO A 15 -13.49 11.46 -24.60
N SER A 16 -14.54 12.26 -24.68
CA SER A 16 -15.44 12.49 -23.57
C SER A 16 -16.44 11.35 -23.37
N ALA A 17 -16.53 10.43 -24.33
CA ALA A 17 -17.36 9.23 -24.19
C ALA A 17 -16.59 8.05 -23.61
N ILE A 18 -15.34 8.26 -23.22
CA ILE A 18 -14.49 7.22 -22.66
C ILE A 18 -14.12 7.63 -21.24
N ARG A 19 -14.48 6.80 -20.27
CA ARG A 19 -14.19 7.05 -18.87
C ARG A 19 -13.41 5.85 -18.32
N GLU A 20 -12.12 6.05 -18.04
CA GLU A 20 -11.30 5.00 -17.47
C GLU A 20 -11.59 4.88 -15.98
N ASN A 21 -12.36 3.87 -15.60
CA ASN A 21 -12.84 3.72 -14.23
C ASN A 21 -12.02 2.69 -13.46
N ASP A 22 -12.46 2.40 -12.25
CA ASP A 22 -11.81 1.46 -11.35
C ASP A 22 -12.63 0.18 -11.24
N ILE A 23 -12.03 -0.84 -10.63
CA ILE A 23 -12.73 -2.10 -10.39
C ILE A 23 -13.76 -1.93 -9.28
N LYS A 24 -13.50 -1.04 -8.33
CA LYS A 24 -14.42 -0.76 -7.23
C LYS A 24 -15.36 0.41 -7.55
N SER A 25 -15.33 0.91 -8.78
CA SER A 25 -16.09 2.11 -9.12
C SER A 25 -17.56 1.85 -9.37
N TYR A 26 -17.98 0.59 -9.52
CA TYR A 26 -19.36 0.33 -9.90
C TYR A 26 -20.22 0.03 -8.67
N PHE A 27 -19.90 -1.07 -7.97
CA PHE A 27 -20.27 -1.36 -6.57
C PHE A 27 -21.79 -1.39 -6.38
N GLY A 28 -22.42 -2.38 -7.00
CA GLY A 28 -23.86 -2.55 -6.93
C GLY A 28 -24.56 -2.44 -8.26
N ARG A 29 -23.98 -1.73 -9.21
CA ARG A 29 -24.51 -1.69 -10.57
C ARG A 29 -24.19 -3.01 -11.26
N LYS A 30 -25.24 -3.73 -11.66
CA LYS A 30 -25.05 -5.02 -12.31
C LYS A 30 -24.54 -4.84 -13.73
N VAL A 31 -23.66 -5.73 -14.16
CA VAL A 31 -23.15 -5.74 -15.53
C VAL A 31 -23.57 -7.04 -16.19
N ALA A 32 -23.49 -7.06 -17.52
CA ALA A 32 -23.87 -8.21 -18.33
C ALA A 32 -22.63 -8.69 -19.08
N ILE A 33 -21.95 -9.69 -18.53
CA ILE A 33 -20.74 -10.22 -19.15
C ILE A 33 -21.11 -11.07 -20.35
N ASP A 34 -20.55 -10.73 -21.50
CA ASP A 34 -20.44 -11.72 -22.56
C ASP A 34 -19.42 -12.76 -22.11
N ALA A 35 -19.89 -13.97 -21.82
CA ALA A 35 -19.04 -14.96 -21.17
C ALA A 35 -18.10 -15.65 -22.15
N SER A 36 -18.32 -15.46 -23.46
CA SER A 36 -17.49 -16.13 -24.46
C SER A 36 -16.08 -15.57 -24.51
N MET A 37 -15.92 -14.25 -24.39
CA MET A 37 -14.57 -13.67 -24.35
C MET A 37 -13.88 -13.99 -23.04
N SER A 38 -14.64 -14.13 -21.95
CA SER A 38 -14.07 -14.56 -20.68
C SER A 38 -13.57 -16.00 -20.77
N ILE A 39 -14.33 -16.87 -21.44
CA ILE A 39 -13.94 -18.27 -21.60
C ILE A 39 -12.74 -18.39 -22.53
N TYR A 40 -12.68 -17.59 -23.60
CA TYR A 40 -11.49 -17.59 -24.46
C TYR A 40 -10.27 -16.98 -23.78
N GLN A 41 -10.48 -15.94 -22.95
CA GLN A 41 -9.38 -15.33 -22.18
C GLN A 41 -8.80 -16.30 -21.17
N PHE A 42 -9.65 -17.09 -20.53
CA PHE A 42 -9.20 -18.03 -19.51
C PHE A 42 -8.82 -19.40 -20.06
N LEU A 43 -9.06 -19.66 -21.35
CA LEU A 43 -8.41 -20.79 -22.02
C LEU A 43 -7.15 -20.39 -22.79
N ILE A 44 -6.96 -19.11 -23.09
CA ILE A 44 -5.78 -18.70 -23.83
C ILE A 44 -4.68 -18.20 -22.89
N ALA A 45 -5.02 -17.40 -21.88
CA ALA A 45 -3.99 -16.84 -21.03
C ALA A 45 -3.51 -17.82 -19.97
N VAL A 46 -4.44 -18.44 -19.23
CA VAL A 46 -4.10 -19.27 -18.09
C VAL A 46 -3.79 -20.68 -18.62
N ARG A 47 -2.50 -21.01 -18.69
CA ARG A 47 -2.03 -22.32 -19.14
C ARG A 47 -1.16 -22.95 -18.07
N GLN A 48 -0.95 -24.25 -18.21
CA GLN A 48 0.02 -24.96 -17.38
C GLN A 48 1.45 -24.83 -17.91
N GLY A 49 1.61 -24.34 -19.13
CA GLY A 49 2.92 -24.23 -19.74
C GLY A 49 3.09 -25.16 -20.92
N GLY A 50 2.97 -24.61 -22.13
CA GLY A 50 3.15 -25.36 -23.36
C GLY A 50 1.89 -25.94 -23.96
N ASP A 51 0.81 -26.06 -23.19
CA ASP A 51 -0.42 -26.69 -23.65
C ASP A 51 -1.57 -26.15 -22.81
N VAL A 52 -2.72 -26.85 -22.88
CA VAL A 52 -3.86 -26.55 -22.04
C VAL A 52 -3.59 -27.09 -20.64
N LEU A 53 -4.37 -26.64 -19.66
CA LEU A 53 -4.24 -27.11 -18.29
C LEU A 53 -5.42 -28.04 -18.01
N GLN A 54 -5.12 -29.26 -17.56
CA GLN A 54 -6.12 -30.30 -17.45
C GLN A 54 -5.82 -31.17 -16.24
N ASN A 55 -6.82 -31.94 -15.82
CA ASN A 55 -6.63 -33.01 -14.85
C ASN A 55 -6.38 -34.31 -15.60
N GLU A 56 -6.31 -35.44 -14.88
CA GLU A 56 -5.97 -36.70 -15.53
C GLU A 56 -7.17 -37.36 -16.21
N GLU A 57 -8.38 -36.82 -16.06
CA GLU A 57 -9.53 -37.38 -16.75
C GLU A 57 -9.61 -36.96 -18.22
N GLY A 58 -8.83 -35.96 -18.64
CA GLY A 58 -8.70 -35.59 -20.03
C GLY A 58 -9.20 -34.21 -20.38
N GLU A 59 -10.35 -33.80 -19.83
CA GLU A 59 -10.95 -32.52 -20.18
C GLU A 59 -10.22 -31.37 -19.48
N THR A 60 -10.35 -30.17 -20.02
CA THR A 60 -9.67 -29.01 -19.46
C THR A 60 -10.57 -28.27 -18.49
N THR A 61 -9.92 -27.58 -17.53
CA THR A 61 -10.67 -26.85 -16.51
C THR A 61 -10.01 -25.53 -16.14
N SER A 62 -9.18 -24.96 -17.02
CA SER A 62 -8.52 -23.69 -16.75
C SER A 62 -9.50 -22.52 -16.78
N HIS A 63 -10.50 -22.61 -17.69
CA HIS A 63 -11.52 -21.58 -17.78
C HIS A 63 -12.43 -21.57 -16.56
N LEU A 64 -12.61 -22.73 -15.92
CA LEU A 64 -13.44 -22.82 -14.72
C LEU A 64 -12.80 -22.10 -13.55
N MET A 65 -11.49 -22.29 -13.32
CA MET A 65 -10.84 -21.59 -12.22
C MET A 65 -10.62 -20.11 -12.53
N GLY A 66 -10.34 -19.77 -13.80
CA GLY A 66 -10.15 -18.36 -14.15
C GLY A 66 -11.42 -17.55 -14.02
N MET A 67 -12.52 -18.09 -14.52
CA MET A 67 -13.82 -17.44 -14.40
C MET A 67 -14.36 -17.55 -12.99
N PHE A 68 -13.91 -18.55 -12.22
CA PHE A 68 -14.20 -18.65 -10.80
C PHE A 68 -13.61 -17.48 -10.02
N TYR A 69 -12.28 -17.30 -10.09
CA TYR A 69 -11.65 -16.21 -9.32
C TYR A 69 -11.99 -14.84 -9.87
N ARG A 70 -12.26 -14.73 -11.18
CA ARG A 70 -12.74 -13.46 -11.73
C ARG A 70 -14.14 -13.12 -11.23
N THR A 71 -15.03 -14.11 -11.16
CA THR A 71 -16.40 -13.90 -10.68
C THR A 71 -16.45 -13.57 -9.18
N ILE A 72 -15.62 -14.24 -8.38
CA ILE A 72 -15.50 -13.93 -6.96
C ILE A 72 -14.89 -12.54 -6.75
N ARG A 73 -13.95 -12.13 -7.61
CA ARG A 73 -13.36 -10.81 -7.43
C ARG A 73 -14.31 -9.69 -7.89
N MET A 74 -15.17 -9.98 -8.89
CA MET A 74 -16.25 -9.05 -9.25
C MET A 74 -17.28 -8.88 -8.13
N MET A 75 -17.70 -9.97 -7.49
CA MET A 75 -18.62 -9.77 -6.38
C MET A 75 -17.94 -9.36 -5.07
N GLU A 76 -16.61 -9.36 -5.01
CA GLU A 76 -15.94 -8.71 -3.87
C GLU A 76 -16.03 -7.19 -3.97
N ASN A 77 -16.04 -6.65 -5.19
CA ASN A 77 -16.13 -5.22 -5.41
C ASN A 77 -17.57 -4.75 -5.63
N GLY A 78 -18.54 -5.59 -5.31
CA GLY A 78 -19.94 -5.22 -5.39
C GLY A 78 -20.58 -5.36 -6.75
N ILE A 79 -19.82 -5.72 -7.78
CA ILE A 79 -20.36 -5.87 -9.13
C ILE A 79 -21.12 -7.20 -9.20
N LYS A 80 -22.37 -7.14 -9.62
CA LYS A 80 -23.21 -8.33 -9.68
C LYS A 80 -23.31 -8.81 -11.12
N PRO A 81 -22.66 -9.91 -11.49
CA PRO A 81 -22.62 -10.31 -12.88
C PRO A 81 -23.88 -11.03 -13.33
N VAL A 82 -24.19 -10.91 -14.61
CA VAL A 82 -25.02 -11.87 -15.30
C VAL A 82 -24.27 -12.29 -16.57
N TYR A 83 -24.14 -13.60 -16.75
CA TYR A 83 -23.30 -14.16 -17.80
C TYR A 83 -24.18 -14.59 -18.96
N VAL A 84 -24.07 -13.89 -20.08
CA VAL A 84 -24.88 -14.17 -21.26
C VAL A 84 -24.03 -14.97 -22.24
N PHE A 85 -24.50 -16.16 -22.60
CA PHE A 85 -23.72 -17.06 -23.48
C PHE A 85 -24.26 -16.98 -24.91
N ASP A 86 -23.39 -17.15 -25.91
CA ASP A 86 -23.81 -17.06 -27.33
C ASP A 86 -24.59 -18.31 -27.74
N GLY A 87 -25.65 -18.15 -28.53
CA GLY A 87 -26.41 -19.31 -29.03
C GLY A 87 -26.07 -19.59 -30.48
N LYS A 88 -27.01 -20.18 -31.24
CA LYS A 88 -26.76 -20.39 -32.66
C LYS A 88 -26.59 -19.05 -33.36
N PRO A 89 -25.46 -18.79 -34.03
CA PRO A 89 -25.24 -17.48 -34.65
C PRO A 89 -26.07 -17.32 -35.90
N PRO A 90 -26.34 -16.08 -36.35
CA PRO A 90 -27.07 -15.88 -37.60
C PRO A 90 -26.23 -16.24 -38.81
N GLN A 91 -26.92 -16.34 -39.96
CA GLN A 91 -26.28 -16.74 -41.20
C GLN A 91 -25.38 -15.65 -41.79
N LEU A 92 -25.56 -14.39 -41.36
CA LEU A 92 -24.66 -13.33 -41.80
C LEU A 92 -23.31 -13.44 -41.12
N LYS A 93 -23.25 -14.03 -39.93
CA LYS A 93 -21.98 -14.23 -39.23
C LYS A 93 -21.16 -15.37 -39.82
N SER A 94 -21.77 -16.23 -40.64
CA SER A 94 -21.09 -17.39 -41.21
C SER A 94 -20.02 -17.03 -42.23
N GLY A 95 -20.07 -15.82 -42.80
CA GLY A 95 -18.94 -15.33 -43.56
C GLY A 95 -17.72 -15.07 -42.69
N GLU A 96 -17.93 -14.57 -41.47
CA GLU A 96 -16.83 -14.43 -40.53
C GLU A 96 -16.40 -15.78 -39.95
N LEU A 97 -17.36 -16.71 -39.79
CA LEU A 97 -17.02 -18.06 -39.37
C LEU A 97 -16.32 -18.85 -40.48
N ALA A 98 -16.56 -18.50 -41.74
CA ALA A 98 -15.73 -19.04 -42.82
C ALA A 98 -14.32 -18.49 -42.75
N LYS A 99 -14.18 -17.20 -42.36
CA LYS A 99 -12.86 -16.64 -42.15
C LYS A 99 -12.22 -17.17 -40.88
N ARG A 100 -13.02 -17.49 -39.86
CA ARG A 100 -12.49 -18.10 -38.65
C ARG A 100 -12.16 -19.58 -38.83
N SER A 101 -12.78 -20.25 -39.80
CA SER A 101 -12.44 -21.65 -40.06
C SER A 101 -11.09 -21.77 -40.74
N GLU A 102 -10.80 -20.89 -41.69
CA GLU A 102 -9.52 -20.93 -42.39
C GLU A 102 -8.39 -20.38 -41.53
N ARG A 103 -8.67 -19.42 -40.65
CA ARG A 103 -7.64 -18.90 -39.77
C ARG A 103 -7.32 -19.87 -38.64
N ARG A 104 -8.28 -20.70 -38.24
CA ARG A 104 -7.97 -21.79 -37.33
C ARG A 104 -7.19 -22.90 -38.04
N ALA A 105 -7.57 -23.21 -39.28
CA ALA A 105 -6.89 -24.25 -40.04
C ALA A 105 -5.54 -23.82 -40.58
N GLU A 106 -5.26 -22.50 -40.63
CA GLU A 106 -3.91 -22.05 -40.96
C GLU A 106 -2.96 -22.35 -39.81
N ALA A 107 -3.45 -22.25 -38.57
CA ALA A 107 -2.66 -22.64 -37.41
C ALA A 107 -2.59 -24.16 -37.23
N GLU A 108 -3.51 -24.91 -37.84
CA GLU A 108 -3.41 -26.37 -37.82
C GLU A 108 -2.26 -26.84 -38.69
N LYS A 109 -2.06 -26.22 -39.85
CA LYS A 109 -0.89 -26.51 -40.66
C LYS A 109 0.37 -25.92 -40.04
N GLN A 110 0.24 -24.82 -39.31
CA GLN A 110 1.38 -24.22 -38.63
C GLN A 110 1.78 -24.97 -37.38
N LEU A 111 0.88 -25.80 -36.83
CA LEU A 111 1.26 -26.62 -35.67
C LEU A 111 2.16 -27.78 -36.09
N GLN A 112 2.08 -28.22 -37.34
CA GLN A 112 3.02 -29.22 -37.85
C GLN A 112 4.41 -28.63 -37.99
N GLN A 113 4.51 -27.35 -38.37
CA GLN A 113 5.80 -26.68 -38.41
C GLN A 113 6.29 -26.29 -37.02
N ALA A 114 5.38 -26.07 -36.08
CA ALA A 114 5.78 -25.68 -34.73
C ALA A 114 6.29 -26.88 -33.93
N GLN A 115 5.71 -28.06 -34.15
CA GLN A 115 6.09 -29.24 -33.39
C GLN A 115 7.38 -29.88 -33.88
N ALA A 116 7.87 -29.50 -35.08
CA ALA A 116 9.15 -30.00 -35.54
C ALA A 116 10.30 -29.34 -34.78
N ALA A 117 10.23 -28.02 -34.59
CA ALA A 117 11.25 -27.32 -33.82
C ALA A 117 11.10 -27.57 -32.33
N GLY A 118 9.88 -27.50 -31.82
CA GLY A 118 9.62 -27.75 -30.41
C GLY A 118 9.99 -26.63 -29.47
N ALA A 119 10.29 -25.44 -29.98
CA ALA A 119 10.66 -24.32 -29.12
C ALA A 119 9.42 -23.74 -28.45
N GLU A 120 9.48 -23.61 -27.12
CA GLU A 120 8.30 -23.28 -26.32
C GLU A 120 7.84 -21.83 -26.47
N GLN A 121 8.67 -20.97 -27.06
CA GLN A 121 8.20 -19.64 -27.43
C GLN A 121 7.27 -19.70 -28.64
N GLU A 122 7.39 -20.73 -29.48
CA GLU A 122 6.56 -20.87 -30.66
C GLU A 122 5.54 -21.99 -30.59
N VAL A 123 5.73 -22.98 -29.73
CA VAL A 123 4.71 -24.02 -29.55
C VAL A 123 3.50 -23.46 -28.79
N GLU A 124 3.75 -22.75 -27.70
CA GLU A 124 2.66 -22.22 -26.88
C GLU A 124 1.99 -21.02 -27.54
N LYS A 125 2.73 -20.30 -28.40
CA LYS A 125 2.13 -19.20 -29.16
C LYS A 125 1.18 -19.71 -30.22
N PHE A 126 1.53 -20.80 -30.88
CA PHE A 126 0.73 -21.28 -32.02
C PHE A 126 -0.48 -22.09 -31.57
N THR A 127 -0.44 -22.71 -30.39
CA THR A 127 -1.56 -23.50 -29.93
C THR A 127 -2.63 -22.68 -29.23
N LYS A 128 -2.39 -21.38 -29.01
CA LYS A 128 -3.41 -20.50 -28.48
C LYS A 128 -4.49 -20.19 -29.52
N ARG A 129 -4.15 -20.29 -30.80
CA ARG A 129 -5.08 -19.98 -31.88
C ARG A 129 -6.06 -21.12 -32.16
N LEU A 130 -5.80 -22.30 -31.59
CA LEU A 130 -6.63 -23.49 -31.82
C LEU A 130 -7.69 -23.68 -30.74
N VAL A 131 -7.95 -22.66 -29.93
CA VAL A 131 -8.92 -22.77 -28.85
C VAL A 131 -10.32 -22.70 -29.44
N LYS A 132 -11.10 -23.75 -29.24
CA LYS A 132 -12.45 -23.85 -29.78
C LYS A 132 -13.40 -24.19 -28.65
N VAL A 133 -14.51 -23.46 -28.58
CA VAL A 133 -15.52 -23.65 -27.54
C VAL A 133 -16.69 -24.42 -28.13
N THR A 134 -16.93 -25.61 -27.57
CA THR A 134 -18.02 -26.48 -27.96
C THR A 134 -19.14 -26.38 -26.94
N LYS A 135 -20.12 -27.29 -27.05
CA LYS A 135 -21.22 -27.32 -26.09
C LYS A 135 -20.75 -27.78 -24.71
N GLN A 136 -19.82 -28.73 -24.67
CA GLN A 136 -19.28 -29.23 -23.39
C GLN A 136 -18.34 -28.25 -22.72
N HIS A 137 -17.83 -27.25 -23.45
CA HIS A 137 -17.07 -26.17 -22.85
C HIS A 137 -17.96 -25.18 -22.11
N ASN A 138 -19.26 -25.18 -22.39
CA ASN A 138 -20.22 -24.32 -21.70
C ASN A 138 -21.22 -25.08 -20.85
N ASP A 139 -21.46 -26.37 -21.12
CA ASP A 139 -22.36 -27.15 -20.28
C ASP A 139 -21.70 -27.49 -18.94
N GLU A 140 -20.37 -27.61 -18.92
CA GLU A 140 -19.63 -27.75 -17.67
C GLU A 140 -19.27 -26.40 -17.07
N CYS A 141 -19.65 -25.30 -17.73
CA CYS A 141 -19.33 -23.95 -17.29
C CYS A 141 -20.55 -23.17 -16.82
N LYS A 142 -21.71 -23.43 -17.40
CA LYS A 142 -22.96 -22.87 -16.90
C LYS A 142 -23.40 -23.54 -15.61
N HIS A 143 -22.94 -24.77 -15.36
CA HIS A 143 -23.26 -25.48 -14.13
C HIS A 143 -22.57 -24.85 -12.93
N LEU A 144 -21.41 -24.23 -13.12
CA LEU A 144 -20.70 -23.58 -12.01
C LEU A 144 -21.40 -22.31 -11.56
N LEU A 145 -21.94 -21.53 -12.50
CA LEU A 145 -22.62 -20.30 -12.14
C LEU A 145 -24.01 -20.54 -11.58
N SER A 146 -24.59 -21.73 -11.81
CA SER A 146 -25.83 -22.08 -11.13
C SER A 146 -25.58 -22.42 -9.66
N LEU A 147 -24.35 -22.82 -9.31
CA LEU A 147 -24.02 -23.06 -7.92
C LEU A 147 -23.87 -21.77 -7.12
N MET A 148 -23.49 -20.67 -7.80
CA MET A 148 -23.42 -19.38 -7.12
C MET A 148 -24.81 -18.80 -6.87
N GLY A 149 -25.77 -19.12 -7.74
CA GLY A 149 -27.02 -18.41 -7.79
C GLY A 149 -27.03 -17.24 -8.76
N ILE A 150 -25.89 -16.94 -9.37
CA ILE A 150 -25.80 -15.95 -10.44
C ILE A 150 -26.55 -16.44 -11.67
N PRO A 151 -27.42 -15.64 -12.28
CA PRO A 151 -28.14 -16.10 -13.47
C PRO A 151 -27.24 -16.20 -14.68
N TYR A 152 -27.39 -17.29 -15.41
CA TYR A 152 -26.75 -17.48 -16.70
C TYR A 152 -27.82 -17.46 -17.77
N LEU A 153 -27.57 -16.72 -18.84
CA LEU A 153 -28.56 -16.54 -19.90
C LEU A 153 -28.03 -17.14 -21.19
N ASP A 154 -28.83 -18.02 -21.78
CA ASP A 154 -28.52 -18.60 -23.09
C ASP A 154 -29.27 -17.77 -24.13
N ALA A 155 -28.52 -17.01 -24.92
CA ALA A 155 -29.12 -16.19 -25.96
C ALA A 155 -29.60 -17.07 -27.11
N PRO A 156 -30.74 -16.76 -27.72
CA PRO A 156 -31.21 -17.57 -28.85
C PRO A 156 -30.44 -17.29 -30.13
N SER A 157 -30.01 -16.05 -30.32
CA SER A 157 -29.26 -15.67 -31.52
C SER A 157 -27.83 -15.24 -31.20
N GLU A 158 -27.64 -14.24 -30.35
CA GLU A 158 -26.33 -13.67 -30.14
C GLU A 158 -26.24 -13.06 -28.75
N ALA A 159 -25.13 -13.36 -28.06
CA ALA A 159 -24.94 -12.82 -26.72
C ALA A 159 -24.51 -11.37 -26.74
N GLU A 160 -23.84 -10.92 -27.80
CA GLU A 160 -23.56 -9.50 -27.97
C GLU A 160 -24.84 -8.71 -28.23
N ALA A 161 -25.79 -9.32 -28.95
CA ALA A 161 -27.06 -8.65 -29.21
C ALA A 161 -27.95 -8.59 -27.98
N SER A 162 -28.04 -9.70 -27.24
CA SER A 162 -28.95 -9.78 -26.11
C SER A 162 -28.42 -9.07 -24.87
N CYS A 163 -27.10 -8.83 -24.81
CA CYS A 163 -26.57 -7.94 -23.78
C CYS A 163 -27.02 -6.51 -24.02
N ALA A 164 -27.08 -6.09 -25.29
CA ALA A 164 -27.48 -4.73 -25.60
C ALA A 164 -28.98 -4.53 -25.42
N ALA A 165 -29.77 -5.58 -25.58
CA ALA A 165 -31.19 -5.50 -25.26
C ALA A 165 -31.44 -5.48 -23.76
N LEU A 166 -30.51 -6.03 -22.96
CA LEU A 166 -30.66 -6.02 -21.51
C LEU A 166 -30.38 -4.64 -20.92
N VAL A 167 -29.42 -3.91 -21.48
CA VAL A 167 -29.17 -2.53 -21.05
C VAL A 167 -30.29 -1.61 -21.55
N LYS A 168 -30.87 -1.93 -22.71
CA LYS A 168 -31.93 -1.12 -23.32
C LYS A 168 -33.23 -1.16 -22.50
N ALA A 169 -33.55 -2.32 -21.92
CA ALA A 169 -34.73 -2.43 -21.07
C ALA A 169 -34.51 -1.89 -19.67
N GLY A 170 -33.26 -1.63 -19.28
CA GLY A 170 -32.98 -1.16 -17.94
C GLY A 170 -32.90 -2.24 -16.89
N LYS A 171 -32.91 -3.51 -17.29
CA LYS A 171 -32.82 -4.60 -16.32
C LYS A 171 -31.41 -4.75 -15.77
N VAL A 172 -30.40 -4.30 -16.53
CA VAL A 172 -29.01 -4.33 -16.11
C VAL A 172 -28.44 -2.96 -16.43
N TYR A 173 -27.38 -2.58 -15.70
CA TYR A 173 -26.81 -1.26 -15.91
C TYR A 173 -25.89 -1.24 -17.12
N ALA A 174 -25.08 -2.26 -17.31
CA ALA A 174 -24.03 -2.24 -18.31
C ALA A 174 -23.93 -3.58 -18.99
N ALA A 175 -23.33 -3.58 -20.17
CA ALA A 175 -22.91 -4.79 -20.86
C ALA A 175 -21.40 -4.79 -20.95
N ALA A 176 -20.77 -5.68 -20.19
CA ALA A 176 -19.31 -5.68 -20.07
C ALA A 176 -18.77 -6.66 -21.10
N THR A 177 -18.43 -6.12 -22.26
CA THR A 177 -18.19 -6.90 -23.46
C THR A 177 -16.95 -6.34 -24.17
N GLU A 178 -16.04 -7.25 -24.53
CA GLU A 178 -14.78 -6.87 -25.15
C GLU A 178 -14.93 -6.31 -26.55
N ASP A 179 -15.89 -6.78 -27.34
CA ASP A 179 -16.06 -6.25 -28.69
C ASP A 179 -16.92 -5.00 -28.69
N MET A 180 -16.83 -4.24 -29.78
CA MET A 180 -17.59 -3.00 -29.91
C MET A 180 -18.95 -3.21 -30.56
N ASP A 181 -19.40 -4.46 -30.72
CA ASP A 181 -20.70 -4.73 -31.30
C ASP A 181 -21.86 -4.31 -30.41
N CYS A 182 -21.66 -4.22 -29.08
CA CYS A 182 -22.77 -3.85 -28.21
C CYS A 182 -23.15 -2.38 -28.31
N LEU A 183 -22.26 -1.54 -28.86
CA LEU A 183 -22.67 -0.21 -29.27
C LEU A 183 -23.57 -0.26 -30.51
N THR A 184 -23.39 -1.27 -31.36
CA THR A 184 -24.13 -1.29 -32.62
C THR A 184 -25.55 -1.80 -32.43
N PHE A 185 -25.77 -2.85 -31.61
CA PHE A 185 -27.15 -3.22 -31.32
C PHE A 185 -27.82 -2.24 -30.34
N GLY A 186 -27.05 -1.44 -29.62
CA GLY A 186 -27.65 -0.28 -28.98
C GLY A 186 -27.64 -0.25 -27.48
N SER A 187 -26.63 -0.82 -26.84
CA SER A 187 -26.46 -0.64 -25.40
C SER A 187 -25.94 0.76 -25.13
N PRO A 188 -26.63 1.57 -24.30
CA PRO A 188 -26.11 2.90 -23.98
C PRO A 188 -24.85 2.90 -23.13
N VAL A 189 -24.56 1.83 -22.40
CA VAL A 189 -23.32 1.68 -21.66
C VAL A 189 -22.64 0.40 -22.11
N LEU A 190 -21.41 0.52 -22.60
CA LEU A 190 -20.57 -0.63 -22.90
C LEU A 190 -19.30 -0.53 -22.05
N MET A 191 -18.97 -1.60 -21.36
CA MET A 191 -17.78 -1.68 -20.53
C MET A 191 -16.71 -2.52 -21.23
N ARG A 192 -15.45 -2.20 -20.94
CA ARG A 192 -14.33 -2.86 -21.59
C ARG A 192 -13.26 -3.15 -20.54
N HIS A 193 -12.57 -4.29 -20.73
CA HIS A 193 -11.44 -4.76 -19.91
C HIS A 193 -11.81 -4.94 -18.44
N LEU A 194 -12.97 -5.55 -18.20
CA LEU A 194 -13.37 -5.84 -16.84
C LEU A 194 -12.55 -7.01 -16.31
N THR A 195 -11.48 -6.69 -15.61
CA THR A 195 -10.44 -7.63 -15.24
C THR A 195 -10.33 -7.66 -13.72
N ALA A 196 -10.03 -8.85 -13.17
CA ALA A 196 -9.95 -9.05 -11.73
C ALA A 196 -8.69 -8.46 -11.09
N SER A 197 -7.73 -7.99 -11.88
CA SER A 197 -6.49 -7.44 -11.33
C SER A 197 -6.74 -6.07 -10.69
N GLU A 198 -6.06 -5.82 -9.58
CA GLU A 198 -6.21 -4.57 -8.85
C GLU A 198 -5.33 -3.45 -9.39
N ALA A 199 -4.38 -3.76 -10.27
CA ALA A 199 -3.47 -2.73 -10.74
C ALA A 199 -4.09 -1.94 -11.89
N LYS A 200 -3.43 -0.84 -12.25
CA LYS A 200 -3.86 0.01 -13.35
C LYS A 200 -3.06 -0.27 -14.62
N LYS A 201 -2.65 -1.53 -14.82
CA LYS A 201 -2.04 -1.90 -16.09
C LYS A 201 -3.07 -1.96 -17.21
N LEU A 202 -4.30 -2.34 -16.87
CA LEU A 202 -5.45 -2.25 -17.78
C LEU A 202 -6.57 -1.53 -17.04
N PRO A 203 -6.72 -0.22 -17.20
CA PRO A 203 -7.89 0.47 -16.63
C PRO A 203 -9.17 0.07 -17.36
N ILE A 204 -10.27 0.15 -16.63
CA ILE A 204 -11.56 -0.31 -17.11
C ILE A 204 -12.25 0.84 -17.82
N GLN A 205 -12.53 0.64 -19.11
CA GLN A 205 -12.91 1.72 -20.01
C GLN A 205 -14.38 1.58 -20.38
N GLU A 206 -15.12 2.68 -20.24
CA GLU A 206 -16.58 2.67 -20.36
C GLU A 206 -16.99 3.45 -21.61
N PHE A 207 -17.84 2.85 -22.43
CA PHE A 207 -18.32 3.44 -23.68
C PHE A 207 -19.76 3.89 -23.46
N HIS A 208 -19.98 5.19 -23.33
CA HIS A 208 -21.34 5.73 -23.28
C HIS A 208 -21.80 6.03 -24.69
N LEU A 209 -22.77 5.24 -25.19
CA LEU A 209 -23.27 5.39 -26.55
C LEU A 209 -24.05 6.68 -26.74
N SER A 210 -24.77 7.13 -25.70
CA SER A 210 -25.47 8.41 -25.77
C SER A 210 -24.51 9.59 -25.81
N ARG A 211 -23.31 9.45 -25.27
CA ARG A 211 -22.28 10.45 -25.44
C ARG A 211 -21.63 10.38 -26.82
N ILE A 212 -21.60 9.19 -27.43
CA ILE A 212 -21.12 9.04 -28.80
C ILE A 212 -22.08 9.69 -29.79
N LEU A 213 -23.38 9.41 -29.64
CA LEU A 213 -24.38 9.93 -30.56
C LEU A 213 -24.63 11.43 -30.36
N GLN A 214 -24.33 11.96 -29.17
CA GLN A 214 -24.34 13.41 -29.00
C GLN A 214 -23.14 14.06 -29.68
N GLU A 215 -21.95 13.45 -29.56
CA GLU A 215 -20.75 14.00 -30.15
C GLU A 215 -20.72 13.84 -31.66
N LEU A 216 -21.19 12.71 -32.17
CA LEU A 216 -21.26 12.51 -33.62
C LEU A 216 -22.48 13.16 -34.25
N GLY A 217 -23.53 13.41 -33.48
CA GLY A 217 -24.74 13.98 -34.04
C GLY A 217 -25.64 12.99 -34.75
N LEU A 218 -25.55 11.71 -34.41
CA LEU A 218 -26.32 10.64 -35.03
C LEU A 218 -27.32 10.05 -34.04
N ASN A 219 -28.01 9.03 -34.50
CA ASN A 219 -28.84 8.16 -33.67
C ASN A 219 -28.45 6.71 -33.91
N GLN A 220 -29.29 5.79 -33.44
CA GLN A 220 -28.97 4.37 -33.46
C GLN A 220 -28.99 3.79 -34.87
N GLU A 221 -29.93 4.23 -35.71
CA GLU A 221 -30.09 3.65 -37.04
C GLU A 221 -29.02 4.09 -38.03
N GLN A 222 -28.23 5.11 -37.70
CA GLN A 222 -27.12 5.54 -38.55
C GLN A 222 -25.76 5.24 -37.97
N PHE A 223 -25.67 4.96 -36.66
CA PHE A 223 -24.42 4.45 -36.09
C PHE A 223 -24.21 2.99 -36.50
N VAL A 224 -25.30 2.28 -36.78
CA VAL A 224 -25.25 0.98 -37.42
C VAL A 224 -24.65 1.11 -38.81
N ASP A 225 -25.04 2.16 -39.54
CA ASP A 225 -24.55 2.44 -40.88
C ASP A 225 -23.07 2.83 -40.90
N LEU A 226 -22.56 3.40 -39.79
CA LEU A 226 -21.13 3.64 -39.66
C LEU A 226 -20.37 2.33 -39.44
N CYS A 227 -21.01 1.38 -38.75
CA CYS A 227 -20.37 0.08 -38.45
C CYS A 227 -20.23 -0.78 -39.70
N ILE A 228 -21.14 -0.63 -40.66
CA ILE A 228 -21.09 -1.38 -41.91
C ILE A 228 -19.90 -0.94 -42.76
N LEU A 229 -19.62 0.37 -42.78
CA LEU A 229 -18.43 0.87 -43.45
C LEU A 229 -17.15 0.63 -42.65
N LEU A 230 -17.27 0.29 -41.36
CA LEU A 230 -16.12 0.01 -40.52
C LEU A 230 -15.72 -1.46 -40.51
N GLY A 231 -16.33 -2.28 -41.34
CA GLY A 231 -15.94 -3.67 -41.44
C GLY A 231 -16.48 -4.55 -40.33
N SER A 232 -17.79 -4.70 -40.27
CA SER A 232 -18.40 -5.58 -39.28
C SER A 232 -18.22 -7.04 -39.68
N ASP A 233 -18.57 -7.94 -38.75
CA ASP A 233 -18.41 -9.37 -38.98
C ASP A 233 -19.46 -9.93 -39.92
N TYR A 234 -20.56 -9.24 -40.13
CA TYR A 234 -21.63 -9.76 -40.97
C TYR A 234 -21.33 -9.58 -42.45
N CYS A 235 -21.11 -8.33 -42.87
CA CYS A 235 -20.80 -8.02 -44.25
C CYS A 235 -19.52 -7.19 -44.30
N GLU A 236 -18.78 -7.35 -45.40
CA GLU A 236 -17.53 -6.62 -45.57
C GLU A 236 -17.79 -5.17 -45.90
N SER A 237 -16.76 -4.34 -45.72
CA SER A 237 -16.86 -2.92 -45.98
C SER A 237 -16.42 -2.61 -47.40
N ILE A 238 -16.51 -1.33 -47.77
CA ILE A 238 -16.03 -0.85 -49.06
C ILE A 238 -14.51 -0.79 -49.02
N ARG A 239 -13.87 -1.17 -50.12
CA ARG A 239 -12.43 -1.45 -50.18
C ARG A 239 -11.54 -0.22 -50.04
N GLY A 240 -12.07 0.99 -50.20
CA GLY A 240 -11.24 2.17 -50.05
C GLY A 240 -11.57 3.02 -48.83
N ILE A 241 -12.51 2.57 -48.02
CA ILE A 241 -13.02 3.35 -46.90
C ILE A 241 -12.73 2.60 -45.60
N GLY A 242 -12.05 3.28 -44.68
CA GLY A 242 -11.74 2.70 -43.39
C GLY A 242 -12.32 3.51 -42.24
N PRO A 243 -11.54 3.73 -41.17
CA PRO A 243 -12.02 4.55 -40.06
C PRO A 243 -12.23 6.02 -40.38
N LYS A 244 -11.19 6.69 -40.91
CA LYS A 244 -11.24 8.13 -41.08
C LYS A 244 -12.04 8.56 -42.30
N ARG A 245 -12.29 7.65 -43.25
CA ARG A 245 -13.06 7.97 -44.43
C ARG A 245 -14.54 7.67 -44.28
N ALA A 246 -14.97 7.12 -43.14
CA ALA A 246 -16.37 6.79 -42.92
C ALA A 246 -17.07 7.69 -41.93
N VAL A 247 -16.33 8.43 -41.09
CA VAL A 247 -16.97 9.40 -40.20
C VAL A 247 -17.48 10.60 -41.00
N ASP A 248 -16.65 11.11 -41.92
CA ASP A 248 -17.05 12.27 -42.70
C ASP A 248 -18.05 11.91 -43.80
N LEU A 249 -18.05 10.65 -44.24
CA LEU A 249 -18.97 10.23 -45.28
C LEU A 249 -20.39 10.04 -44.75
N ILE A 250 -20.51 9.51 -43.53
CA ILE A 250 -21.83 9.38 -42.88
C ILE A 250 -22.37 10.76 -42.51
N GLN A 251 -21.50 11.66 -42.06
CA GLN A 251 -21.92 13.01 -41.71
C GLN A 251 -22.23 13.87 -42.93
N LYS A 252 -21.84 13.45 -44.13
CA LYS A 252 -22.23 14.13 -45.36
C LYS A 252 -23.47 13.48 -45.98
N HIS A 253 -23.39 12.18 -46.27
CA HIS A 253 -24.51 11.41 -46.80
C HIS A 253 -24.99 10.47 -45.69
N LYS A 254 -26.26 10.60 -45.30
CA LYS A 254 -26.67 10.10 -43.99
C LYS A 254 -26.95 8.60 -44.02
N SER A 255 -27.93 8.17 -44.80
CA SER A 255 -28.31 6.76 -44.85
C SER A 255 -27.36 5.97 -45.72
N ILE A 256 -27.44 4.64 -45.61
CA ILE A 256 -26.53 3.77 -46.35
C ILE A 256 -26.94 3.69 -47.83
N GLU A 257 -28.21 3.92 -48.14
CA GLU A 257 -28.68 3.92 -49.52
C GLU A 257 -28.22 5.14 -50.30
N GLU A 258 -27.84 6.22 -49.62
CA GLU A 258 -27.22 7.34 -50.31
C GLU A 258 -25.70 7.38 -50.14
N ILE A 259 -25.10 6.37 -49.50
CA ILE A 259 -23.66 6.18 -49.63
C ILE A 259 -23.31 5.71 -51.03
N VAL A 260 -24.08 4.74 -51.55
CA VAL A 260 -23.78 4.11 -52.84
C VAL A 260 -24.06 5.07 -54.00
N ARG A 261 -25.18 5.80 -53.92
CA ARG A 261 -25.57 6.67 -55.03
C ARG A 261 -24.79 7.98 -55.08
N ARG A 262 -24.03 8.32 -54.04
CA ARG A 262 -23.21 9.52 -54.01
C ARG A 262 -21.73 9.16 -53.96
N LEU A 263 -21.35 8.12 -54.69
CA LEU A 263 -19.98 7.62 -54.68
C LEU A 263 -19.55 7.32 -56.11
N ASP A 264 -18.27 7.56 -56.38
CA ASP A 264 -17.66 7.16 -57.64
C ASP A 264 -17.16 5.73 -57.53
N PRO A 265 -17.72 4.78 -58.29
CA PRO A 265 -17.39 3.35 -58.07
C PRO A 265 -16.04 2.92 -58.60
N ASN A 266 -15.35 3.77 -59.35
CA ASN A 266 -14.00 3.42 -59.81
C ASN A 266 -13.00 3.48 -58.68
N LYS A 267 -13.06 4.53 -57.85
CA LYS A 267 -12.13 4.68 -56.74
C LYS A 267 -12.48 3.75 -55.57
N TYR A 268 -13.76 3.61 -55.26
CA TYR A 268 -14.22 2.73 -54.18
C TYR A 268 -15.11 1.65 -54.78
N PRO A 269 -14.59 0.43 -54.97
CA PRO A 269 -15.42 -0.64 -55.57
C PRO A 269 -16.39 -1.21 -54.55
N VAL A 270 -17.67 -1.25 -54.91
CA VAL A 270 -18.70 -1.84 -54.06
C VAL A 270 -18.60 -3.35 -54.15
N PRO A 271 -18.51 -4.06 -53.03
CA PRO A 271 -18.36 -5.53 -53.08
C PRO A 271 -19.66 -6.21 -53.47
N GLU A 272 -19.53 -7.47 -53.91
CA GLU A 272 -20.68 -8.24 -54.34
C GLU A 272 -21.50 -8.77 -53.16
N ASN A 273 -20.87 -8.95 -52.00
CA ASN A 273 -21.58 -9.35 -50.79
C ASN A 273 -21.90 -8.13 -49.93
N TRP A 274 -22.60 -7.18 -50.55
CA TRP A 274 -22.96 -5.92 -49.91
C TRP A 274 -24.39 -5.99 -49.40
N LEU A 275 -24.55 -6.74 -48.30
CA LEU A 275 -25.85 -6.93 -47.66
C LEU A 275 -26.02 -5.97 -46.48
N HIS A 276 -26.12 -4.68 -46.82
CA HIS A 276 -26.24 -3.65 -45.80
C HIS A 276 -27.64 -3.63 -45.20
N LYS A 277 -28.66 -3.88 -46.01
CA LYS A 277 -30.05 -3.80 -45.55
C LYS A 277 -30.43 -4.99 -44.68
N GLU A 278 -29.80 -6.14 -44.89
CA GLU A 278 -30.05 -7.29 -44.03
C GLU A 278 -29.35 -7.11 -42.69
N ALA A 279 -28.14 -6.55 -42.68
CA ALA A 279 -27.43 -6.32 -41.43
C ALA A 279 -28.01 -5.14 -40.66
N HIS A 280 -28.65 -4.20 -41.36
CA HIS A 280 -29.35 -3.12 -40.67
C HIS A 280 -30.61 -3.62 -39.98
N GLN A 281 -31.27 -4.63 -40.56
CA GLN A 281 -32.37 -5.29 -39.88
C GLN A 281 -31.88 -6.12 -38.70
N LEU A 282 -30.69 -6.71 -38.83
CA LEU A 282 -30.16 -7.57 -37.77
C LEU A 282 -29.62 -6.76 -36.60
N PHE A 283 -29.05 -5.59 -36.87
CA PHE A 283 -28.46 -4.79 -35.80
C PHE A 283 -29.51 -4.06 -34.97
N LEU A 284 -30.56 -3.54 -35.61
CA LEU A 284 -31.60 -2.83 -34.86
C LEU A 284 -32.51 -3.80 -34.12
N GLU A 285 -33.06 -4.80 -34.82
CA GLU A 285 -33.97 -5.76 -34.22
C GLU A 285 -33.44 -7.18 -34.43
N PRO A 286 -32.60 -7.69 -33.53
CA PRO A 286 -32.24 -9.10 -33.57
C PRO A 286 -33.24 -9.95 -32.79
N GLU A 287 -33.17 -11.26 -33.04
CA GLU A 287 -34.09 -12.21 -32.41
C GLU A 287 -33.47 -12.66 -31.09
N VAL A 288 -33.55 -11.77 -30.10
CA VAL A 288 -32.99 -12.02 -28.79
C VAL A 288 -34.10 -12.47 -27.85
N LEU A 289 -33.71 -12.98 -26.68
CA LEU A 289 -34.69 -13.36 -25.68
C LEU A 289 -35.27 -12.11 -25.01
N ASP A 290 -36.45 -12.27 -24.45
CA ASP A 290 -37.15 -11.17 -23.78
C ASP A 290 -36.48 -10.88 -22.45
N PRO A 291 -35.99 -9.65 -22.21
CA PRO A 291 -35.37 -9.35 -20.91
C PRO A 291 -36.36 -9.26 -19.76
N GLU A 292 -37.64 -9.03 -20.04
CA GLU A 292 -38.66 -9.06 -19.00
C GLU A 292 -39.11 -10.47 -18.65
N SER A 293 -38.77 -11.46 -19.48
CA SER A 293 -39.19 -12.84 -19.21
C SER A 293 -38.36 -13.47 -18.10
N VAL A 294 -37.08 -13.15 -18.02
CA VAL A 294 -36.18 -13.71 -17.03
C VAL A 294 -35.82 -12.63 -16.02
N GLU A 295 -35.75 -13.01 -14.75
CA GLU A 295 -35.37 -12.10 -13.67
C GLU A 295 -34.02 -12.51 -13.13
N LEU A 296 -33.19 -11.50 -12.82
CA LEU A 296 -31.83 -11.73 -12.34
C LEU A 296 -31.90 -12.07 -10.85
N LYS A 297 -32.17 -13.33 -10.55
CA LYS A 297 -32.24 -13.80 -9.18
C LYS A 297 -30.84 -13.94 -8.59
N TRP A 298 -30.72 -13.64 -7.30
CA TRP A 298 -29.45 -13.73 -6.58
C TRP A 298 -29.65 -14.68 -5.40
N SER A 299 -29.48 -15.98 -5.67
CA SER A 299 -29.65 -16.98 -4.63
C SER A 299 -28.38 -17.10 -3.79
N GLU A 300 -28.51 -17.75 -2.64
CA GLU A 300 -27.37 -17.99 -1.78
C GLU A 300 -26.47 -19.07 -2.39
N PRO A 301 -25.16 -18.84 -2.46
CA PRO A 301 -24.26 -19.89 -2.95
C PRO A 301 -24.09 -20.99 -1.92
N ASN A 302 -23.82 -22.20 -2.41
CA ASN A 302 -23.55 -23.33 -1.54
C ASN A 302 -22.06 -23.68 -1.61
N GLU A 303 -21.55 -24.22 -0.50
CA GLU A 303 -20.14 -24.57 -0.41
C GLU A 303 -19.88 -26.06 -0.53
N GLU A 304 -20.82 -26.89 -0.06
CA GLU A 304 -20.64 -28.33 -0.07
C GLU A 304 -20.82 -28.94 -1.45
N GLU A 305 -21.60 -28.32 -2.33
CA GLU A 305 -21.80 -28.83 -3.67
C GLU A 305 -20.62 -28.56 -4.60
N LEU A 306 -19.77 -27.57 -4.26
CA LEU A 306 -18.55 -27.38 -5.02
C LEU A 306 -17.50 -28.43 -4.70
N ILE A 307 -17.64 -29.10 -3.55
CA ILE A 307 -16.71 -30.16 -3.17
C ILE A 307 -16.90 -31.39 -4.05
N LYS A 308 -18.15 -31.78 -4.29
CA LYS A 308 -18.45 -32.96 -5.10
C LYS A 308 -18.40 -32.67 -6.60
N PHE A 309 -18.36 -31.39 -7.00
CA PHE A 309 -18.34 -31.04 -8.42
C PHE A 309 -16.98 -30.62 -8.91
N MET A 310 -16.19 -29.90 -8.10
CA MET A 310 -14.97 -29.30 -8.62
C MET A 310 -13.75 -29.65 -7.78
N CYS A 311 -13.93 -29.81 -6.47
CA CYS A 311 -12.81 -30.27 -5.64
C CYS A 311 -12.49 -31.74 -5.85
N GLY A 312 -13.47 -32.53 -6.28
CA GLY A 312 -13.22 -33.94 -6.55
C GLY A 312 -13.02 -34.26 -8.01
N GLU A 313 -13.87 -33.71 -8.88
CA GLU A 313 -13.82 -34.04 -10.30
C GLU A 313 -12.72 -33.24 -11.01
N LYS A 314 -12.65 -31.94 -10.75
CA LYS A 314 -11.61 -31.11 -11.35
C LYS A 314 -10.34 -31.06 -10.52
N GLN A 315 -10.33 -31.75 -9.37
CA GLN A 315 -9.21 -31.94 -8.40
C GLN A 315 -8.46 -30.65 -8.05
N PHE A 316 -9.23 -29.62 -7.69
CA PHE A 316 -8.63 -28.34 -7.37
C PHE A 316 -8.12 -28.31 -5.93
N SER A 317 -7.62 -27.15 -5.52
CA SER A 317 -7.14 -26.96 -4.16
C SER A 317 -8.32 -26.85 -3.21
N GLU A 318 -8.23 -27.57 -2.08
CA GLU A 318 -9.31 -27.55 -1.11
C GLU A 318 -9.33 -26.24 -0.32
N GLU A 319 -8.16 -25.62 -0.12
CA GLU A 319 -8.06 -24.41 0.68
C GLU A 319 -8.27 -23.13 -0.11
N ARG A 320 -8.63 -23.23 -1.39
CA ARG A 320 -8.88 -22.04 -2.20
C ARG A 320 -10.32 -21.91 -2.67
N ILE A 321 -11.00 -23.02 -2.99
CA ILE A 321 -12.43 -22.95 -3.27
C ILE A 321 -13.22 -22.68 -2.00
N ARG A 322 -12.86 -23.36 -0.90
CA ARG A 322 -13.51 -23.16 0.40
C ARG A 322 -13.21 -21.79 0.99
N SER A 323 -12.04 -21.24 0.67
CA SER A 323 -11.79 -19.83 0.98
C SER A 323 -12.53 -18.92 0.03
N GLY A 324 -12.82 -19.38 -1.19
CA GLY A 324 -13.47 -18.54 -2.19
C GLY A 324 -14.94 -18.33 -1.94
N VAL A 325 -15.64 -19.33 -1.39
CA VAL A 325 -17.05 -19.16 -1.04
C VAL A 325 -17.18 -18.28 0.21
N LYS A 326 -16.24 -18.41 1.14
CA LYS A 326 -16.27 -17.62 2.37
C LYS A 326 -15.95 -16.15 2.09
N ARG A 327 -15.06 -15.88 1.15
CA ARG A 327 -14.84 -14.50 0.71
C ARG A 327 -15.89 -14.03 -0.30
N LEU A 328 -16.74 -14.92 -0.80
CA LEU A 328 -17.91 -14.51 -1.56
C LEU A 328 -19.05 -14.10 -0.63
N SER A 329 -19.32 -14.92 0.40
CA SER A 329 -20.45 -14.68 1.28
C SER A 329 -20.21 -13.54 2.25
N LYS A 330 -18.96 -13.15 2.49
CA LYS A 330 -18.68 -11.95 3.27
C LYS A 330 -18.79 -10.67 2.44
N SER A 331 -18.91 -10.79 1.13
CA SER A 331 -19.12 -9.65 0.24
C SER A 331 -20.50 -9.69 -0.41
N ARG A 332 -21.40 -10.54 0.07
CA ARG A 332 -22.74 -10.69 -0.48
C ARG A 332 -23.84 -10.27 0.49
N GLN A 333 -23.70 -10.63 1.77
CA GLN A 333 -24.75 -10.37 2.75
C GLN A 333 -24.76 -8.91 3.22
N GLY A 334 -23.71 -8.16 2.96
CA GLY A 334 -23.69 -6.75 3.34
C GLY A 334 -24.59 -5.91 2.44
N SER A 335 -24.86 -4.70 2.91
CA SER A 335 -25.73 -3.78 2.19
C SER A 335 -25.01 -3.19 0.97
N THR A 336 -25.82 -2.76 0.01
CA THR A 336 -25.29 -2.17 -1.22
C THR A 336 -25.08 -0.68 -1.00
N GLN A 337 -23.86 -0.20 -1.24
CA GLN A 337 -23.57 1.21 -1.09
C GLN A 337 -24.12 2.00 -2.27
N GLY A 338 -24.99 2.96 -1.98
CA GLY A 338 -25.54 3.78 -3.02
C GLY A 338 -24.53 4.79 -3.55
N ARG A 339 -24.76 5.21 -4.79
CA ARG A 339 -23.91 6.22 -5.39
C ARG A 339 -24.34 7.60 -4.92
N LEU A 340 -23.47 8.57 -5.14
CA LEU A 340 -23.71 9.94 -4.72
C LEU A 340 -24.65 10.68 -5.67
N ASP A 341 -24.83 10.19 -6.90
CA ASP A 341 -25.71 10.85 -7.86
C ASP A 341 -27.18 10.63 -7.55
N ASP A 342 -27.51 9.68 -6.69
CA ASP A 342 -28.89 9.53 -6.23
C ASP A 342 -29.29 10.65 -5.27
N PHE A 343 -28.32 11.25 -4.59
CA PHE A 343 -28.56 12.30 -3.60
C PHE A 343 -28.34 13.70 -4.15
N PHE A 344 -27.23 13.93 -4.83
CA PHE A 344 -26.91 15.22 -5.42
C PHE A 344 -26.96 15.14 -6.94
N LYS A 345 -27.36 16.24 -7.57
CA LYS A 345 -27.47 16.32 -9.01
C LYS A 345 -26.42 17.25 -9.58
N VAL A 346 -26.00 16.97 -10.81
CA VAL A 346 -24.93 17.73 -11.46
C VAL A 346 -25.51 19.05 -11.95
N THR A 347 -24.94 20.16 -11.47
CA THR A 347 -25.40 21.49 -11.84
C THR A 347 -24.50 22.13 -12.89
N GLY A 348 -23.21 22.24 -12.61
CA GLY A 348 -22.30 22.91 -13.51
C GLY A 348 -21.26 22.01 -14.15
N SER A 349 -21.24 21.98 -15.49
CA SER A 349 -20.23 21.25 -16.22
C SER A 349 -18.97 22.12 -16.31
N LEU A 350 -17.92 21.72 -15.61
CA LEU A 350 -16.70 22.51 -15.52
C LEU A 350 -15.57 21.76 -16.22
N SER A 351 -14.76 22.50 -16.98
CA SER A 351 -13.67 21.92 -17.74
C SER A 351 -12.43 22.78 -17.55
N SER A 352 -11.27 22.16 -17.72
CA SER A 352 -10.00 22.87 -17.58
C SER A 352 -9.72 23.74 -18.80
N MET B 1 -20.87 -15.71 34.54
CA MET B 1 -20.65 -14.31 34.22
C MET B 1 -19.24 -13.88 34.63
N PHE B 2 -18.29 -14.16 33.76
CA PHE B 2 -16.92 -13.71 33.96
C PHE B 2 -16.84 -12.20 33.72
N GLU B 3 -16.18 -11.50 34.65
CA GLU B 3 -16.06 -10.05 34.56
C GLU B 3 -14.75 -9.66 35.24
N ALA B 4 -13.81 -9.13 34.46
CA ALA B 4 -12.48 -8.76 34.97
C ALA B 4 -12.18 -7.34 34.54
N ARG B 5 -12.53 -6.37 35.37
CA ARG B 5 -12.16 -4.99 35.10
C ARG B 5 -10.69 -4.79 35.43
N LEU B 6 -9.90 -4.42 34.43
CA LEU B 6 -8.48 -4.19 34.58
C LEU B 6 -8.21 -2.71 34.35
N VAL B 7 -7.63 -2.04 35.35
CA VAL B 7 -7.50 -0.60 35.29
C VAL B 7 -6.29 -0.18 34.44
N GLN B 8 -5.26 -1.02 34.34
CA GLN B 8 -4.07 -0.71 33.54
C GLN B 8 -4.20 -1.53 32.27
N GLY B 9 -4.73 -0.91 31.22
CA GLY B 9 -5.09 -1.63 30.01
C GLY B 9 -3.93 -2.00 29.11
N SER B 10 -2.74 -1.49 29.38
CA SER B 10 -1.57 -1.86 28.58
C SER B 10 -1.04 -3.24 28.94
N ILE B 11 -1.44 -3.79 30.09
CA ILE B 11 -0.96 -5.10 30.52
C ILE B 11 -1.53 -6.20 29.63
N LEU B 12 -2.84 -6.15 29.37
CA LEU B 12 -3.47 -7.16 28.52
C LEU B 12 -3.16 -6.92 27.06
N LYS B 13 -2.96 -5.66 26.67
CA LYS B 13 -2.70 -5.33 25.26
C LYS B 13 -1.31 -5.78 24.82
N LYS B 14 -0.30 -5.61 25.68
CA LYS B 14 1.05 -6.02 25.33
C LYS B 14 1.25 -7.53 25.43
N VAL B 15 0.36 -8.25 26.10
CA VAL B 15 0.37 -9.71 26.05
C VAL B 15 -0.04 -10.18 24.66
N LEU B 16 -1.13 -9.62 24.13
CA LEU B 16 -1.66 -10.01 22.83
C LEU B 16 -0.83 -9.50 21.67
N GLU B 17 0.01 -8.49 21.87
CA GLU B 17 0.97 -8.12 20.85
C GLU B 17 2.14 -9.09 20.78
N ALA B 18 2.34 -9.91 21.82
CA ALA B 18 3.38 -10.91 21.85
C ALA B 18 2.93 -12.28 21.37
N LEU B 19 1.64 -12.59 21.50
CA LEU B 19 1.12 -13.90 21.10
C LEU B 19 0.42 -13.87 19.75
N LYS B 20 0.40 -12.72 19.06
CA LYS B 20 -0.27 -12.64 17.77
C LYS B 20 0.55 -13.22 16.63
N ASP B 21 1.83 -13.50 16.84
CA ASP B 21 2.69 -14.03 15.80
C ASP B 21 3.23 -15.41 16.13
N LEU B 22 2.90 -15.96 17.29
CA LEU B 22 3.42 -17.24 17.73
C LEU B 22 2.32 -18.24 18.08
N ILE B 23 1.24 -17.80 18.72
CA ILE B 23 0.10 -18.65 19.04
C ILE B 23 -1.02 -18.32 18.08
N ASN B 24 -1.48 -19.33 17.32
CA ASN B 24 -2.58 -19.10 16.39
C ASN B 24 -3.88 -19.07 17.18
N GLU B 25 -4.12 -20.07 18.02
CA GLU B 25 -5.32 -20.16 18.82
C GLU B 25 -5.02 -20.95 20.09
N ALA B 26 -5.70 -20.60 21.17
CA ALA B 26 -5.43 -21.21 22.46
C ALA B 26 -6.68 -21.11 23.33
N CYS B 27 -6.67 -21.84 24.44
CA CYS B 27 -7.76 -21.85 25.40
C CYS B 27 -7.37 -21.03 26.61
N TRP B 28 -8.16 -20.02 26.94
CA TRP B 28 -7.95 -19.19 28.12
C TRP B 28 -8.57 -19.91 29.31
N ASP B 29 -7.74 -20.61 30.08
CA ASP B 29 -8.21 -21.39 31.23
C ASP B 29 -8.50 -20.42 32.38
N ILE B 30 -9.69 -19.85 32.34
CA ILE B 30 -10.07 -18.77 33.25
C ILE B 30 -10.83 -19.40 34.42
N SER B 31 -10.25 -19.31 35.61
CA SER B 31 -10.85 -19.85 36.82
C SER B 31 -11.04 -18.73 37.83
N SER B 32 -11.47 -19.11 39.03
CA SER B 32 -11.62 -18.14 40.12
C SER B 32 -10.29 -17.68 40.68
N SER B 33 -9.24 -18.48 40.53
CA SER B 33 -7.91 -18.07 41.00
C SER B 33 -7.31 -17.01 40.08
N GLY B 34 -7.47 -17.17 38.77
CA GLY B 34 -6.95 -16.18 37.86
C GLY B 34 -7.01 -16.67 36.43
N VAL B 35 -6.57 -15.79 35.53
CA VAL B 35 -6.55 -16.08 34.10
C VAL B 35 -5.30 -16.88 33.78
N ASN B 36 -5.48 -18.05 33.18
CA ASN B 36 -4.37 -18.93 32.84
C ASN B 36 -4.45 -19.28 31.36
N LEU B 37 -3.27 -19.53 30.77
CA LEU B 37 -3.20 -19.91 29.35
C LEU B 37 -1.95 -20.77 29.18
N GLN B 38 -2.15 -22.09 29.11
CA GLN B 38 -1.09 -23.02 28.77
C GLN B 38 -1.26 -23.40 27.31
N SER B 39 -0.37 -22.90 26.46
CA SER B 39 -0.52 -23.07 25.03
C SER B 39 0.75 -23.64 24.41
N MET B 40 0.71 -23.80 23.10
CA MET B 40 1.81 -24.33 22.32
C MET B 40 1.66 -23.77 20.90
N ASP B 41 2.77 -23.45 20.27
CA ASP B 41 2.76 -22.72 19.01
C ASP B 41 2.27 -23.58 17.85
N SER B 42 1.99 -22.90 16.73
CA SER B 42 1.40 -23.56 15.56
C SER B 42 2.40 -24.45 14.83
N SER B 43 3.70 -24.23 15.01
CA SER B 43 4.71 -25.12 14.48
C SER B 43 5.11 -26.21 15.46
N HIS B 44 4.46 -26.25 16.63
CA HIS B 44 4.58 -27.29 17.66
C HIS B 44 6.00 -27.45 18.19
N VAL B 45 6.66 -26.32 18.46
CA VAL B 45 8.00 -26.30 19.02
C VAL B 45 8.02 -25.66 20.40
N SER B 46 7.47 -24.46 20.52
CA SER B 46 7.53 -23.69 21.76
C SER B 46 6.26 -23.86 22.57
N LEU B 47 6.36 -23.53 23.86
CA LEU B 47 5.23 -23.61 24.78
C LEU B 47 5.09 -22.26 25.49
N VAL B 48 3.85 -21.82 25.67
CA VAL B 48 3.54 -20.54 26.30
C VAL B 48 2.71 -20.80 27.54
N GLN B 49 3.18 -20.30 28.67
CA GLN B 49 2.43 -20.36 29.94
C GLN B 49 2.18 -18.93 30.39
N LEU B 50 0.97 -18.44 30.18
CA LEU B 50 0.58 -17.10 30.63
C LEU B 50 -0.31 -17.23 31.85
N THR B 51 0.06 -16.57 32.93
CA THR B 51 -0.72 -16.56 34.16
C THR B 51 -1.01 -15.11 34.54
N LEU B 52 -2.29 -14.78 34.67
CA LEU B 52 -2.73 -13.49 35.18
C LEU B 52 -3.59 -13.75 36.40
N ARG B 53 -3.05 -13.47 37.58
CA ARG B 53 -3.78 -13.69 38.81
C ARG B 53 -4.86 -12.63 39.00
N SER B 54 -5.79 -12.92 39.91
CA SER B 54 -6.93 -12.04 40.14
C SER B 54 -6.60 -10.84 40.99
N GLU B 55 -5.39 -10.77 41.58
CA GLU B 55 -5.01 -9.62 42.39
C GLU B 55 -4.69 -8.40 41.55
N GLY B 56 -4.24 -8.59 40.31
CA GLY B 56 -3.96 -7.46 39.45
C GLY B 56 -5.19 -6.83 38.86
N PHE B 57 -6.24 -7.62 38.63
CA PHE B 57 -7.51 -7.07 38.18
C PHE B 57 -8.20 -6.34 39.33
N ASP B 58 -9.00 -5.34 38.98
CA ASP B 58 -9.68 -4.55 40.00
C ASP B 58 -10.87 -5.31 40.58
N THR B 59 -11.85 -5.63 39.74
CA THR B 59 -12.99 -6.45 40.16
C THR B 59 -12.96 -7.73 39.34
N TYR B 60 -12.76 -8.87 40.02
CA TYR B 60 -12.66 -10.17 39.39
C TYR B 60 -13.69 -11.10 40.03
N ARG B 61 -14.44 -11.80 39.20
CA ARG B 61 -15.38 -12.81 39.68
C ARG B 61 -15.59 -13.86 38.60
N CYS B 62 -15.77 -15.11 39.02
CA CYS B 62 -16.03 -16.21 38.12
C CYS B 62 -17.11 -17.10 38.74
N ASP B 63 -18.21 -17.29 38.03
CA ASP B 63 -19.24 -18.20 38.50
C ASP B 63 -18.84 -19.65 38.33
N ARG B 64 -18.01 -19.95 37.34
CA ARG B 64 -17.54 -21.30 37.09
C ARG B 64 -16.16 -21.22 36.43
N ASN B 65 -15.65 -22.38 36.04
CA ASN B 65 -14.34 -22.48 35.38
C ASN B 65 -14.56 -22.39 33.88
N LEU B 66 -14.26 -21.22 33.31
CA LEU B 66 -14.50 -20.97 31.89
C LEU B 66 -13.21 -21.24 31.10
N ALA B 67 -13.31 -22.10 30.09
CA ALA B 67 -12.19 -22.39 29.21
C ALA B 67 -12.68 -22.21 27.78
N MET B 68 -12.61 -20.98 27.29
CA MET B 68 -13.10 -20.66 25.96
C MET B 68 -11.96 -20.59 24.96
N GLY B 69 -12.30 -20.78 23.69
CA GLY B 69 -11.34 -20.73 22.61
C GLY B 69 -11.36 -19.41 21.88
N VAL B 70 -10.28 -18.65 21.97
CA VAL B 70 -10.19 -17.30 21.41
C VAL B 70 -9.08 -17.30 20.37
N ASN B 71 -9.41 -16.82 19.17
CA ASN B 71 -8.40 -16.57 18.15
C ASN B 71 -7.48 -15.44 18.57
N LEU B 72 -6.20 -15.74 18.72
CA LEU B 72 -5.23 -14.78 19.25
C LEU B 72 -4.90 -13.68 18.26
N THR B 73 -5.07 -13.93 16.96
CA THR B 73 -4.89 -12.88 15.97
C THR B 73 -6.07 -11.91 15.98
N SER B 74 -7.28 -12.44 16.15
CA SER B 74 -8.47 -11.59 16.14
C SER B 74 -8.61 -10.80 17.44
N MET B 75 -8.15 -11.36 18.56
CA MET B 75 -8.23 -10.64 19.83
C MET B 75 -7.17 -9.55 19.92
N SER B 76 -6.03 -9.74 19.23
CA SER B 76 -4.98 -8.73 19.23
C SER B 76 -5.34 -7.51 18.39
N LYS B 77 -6.06 -7.71 17.28
CA LYS B 77 -6.50 -6.58 16.48
C LYS B 77 -7.62 -5.81 17.18
N ILE B 78 -8.45 -6.51 17.96
CA ILE B 78 -9.47 -5.85 18.75
C ILE B 78 -8.84 -5.14 19.95
N LEU B 79 -7.80 -5.73 20.54
CA LEU B 79 -7.03 -5.01 21.55
C LEU B 79 -6.08 -3.97 20.98
N LYS B 80 -5.87 -3.93 19.66
CA LYS B 80 -5.22 -2.78 19.04
C LYS B 80 -6.13 -1.56 19.04
N CYS B 81 -7.45 -1.76 19.11
CA CYS B 81 -8.39 -0.64 19.17
C CYS B 81 -8.42 0.04 20.54
N ALA B 82 -7.98 -0.65 21.59
CA ALA B 82 -7.96 -0.05 22.91
C ALA B 82 -6.81 0.94 23.04
N GLY B 83 -6.99 1.91 23.92
CA GLY B 83 -5.93 2.85 24.20
C GLY B 83 -4.89 2.27 25.14
N ASN B 84 -3.76 2.99 25.25
CA ASN B 84 -2.71 2.58 26.18
C ASN B 84 -3.07 2.89 27.63
N GLU B 85 -3.98 3.84 27.85
CA GLU B 85 -4.41 4.23 29.18
C GLU B 85 -5.83 3.76 29.49
N ASP B 86 -6.34 2.79 28.74
CA ASP B 86 -7.73 2.38 28.84
C ASP B 86 -7.95 1.51 30.08
N ILE B 87 -9.22 1.32 30.40
CA ILE B 87 -9.65 0.39 31.44
C ILE B 87 -10.42 -0.72 30.76
N ILE B 88 -9.96 -1.96 30.92
CA ILE B 88 -10.44 -3.09 30.14
C ILE B 88 -11.26 -4.00 31.04
N THR B 89 -12.51 -4.22 30.66
CA THR B 89 -13.43 -5.11 31.36
C THR B 89 -13.81 -6.23 30.41
N LEU B 90 -13.71 -7.48 30.88
CA LEU B 90 -13.91 -8.65 30.04
C LEU B 90 -15.21 -9.33 30.47
N ARG B 91 -16.32 -8.88 29.91
CA ARG B 91 -17.64 -9.37 30.30
C ARG B 91 -18.05 -10.57 29.45
N ALA B 92 -17.42 -11.71 29.73
CA ALA B 92 -17.75 -12.94 29.02
C ALA B 92 -19.10 -13.49 29.51
N GLU B 93 -19.75 -14.25 28.63
CA GLU B 93 -21.05 -14.82 28.92
C GLU B 93 -20.96 -16.34 28.96
N ASP B 94 -21.60 -16.94 29.96
CA ASP B 94 -21.62 -18.40 30.07
C ASP B 94 -22.56 -19.03 29.07
N ASN B 95 -23.69 -18.37 28.78
CA ASN B 95 -24.71 -18.95 27.91
C ASN B 95 -24.33 -18.87 26.44
N ALA B 96 -23.69 -17.78 26.02
CA ALA B 96 -23.28 -17.58 24.65
C ALA B 96 -21.78 -17.31 24.58
N ASP B 97 -21.11 -17.95 23.62
CA ASP B 97 -19.65 -17.84 23.49
C ASP B 97 -19.30 -16.49 22.85
N THR B 98 -19.26 -15.47 23.71
CA THR B 98 -18.94 -14.10 23.29
C THR B 98 -18.18 -13.42 24.41
N LEU B 99 -16.95 -12.99 24.11
CA LEU B 99 -16.08 -12.32 25.08
C LEU B 99 -16.18 -10.83 24.83
N ALA B 100 -16.93 -10.13 25.67
CA ALA B 100 -17.18 -8.71 25.48
C ALA B 100 -16.09 -7.91 26.18
N LEU B 101 -15.31 -7.17 25.40
CA LEU B 101 -14.26 -6.31 25.92
C LEU B 101 -14.77 -4.88 25.94
N VAL B 102 -14.70 -4.24 27.10
CA VAL B 102 -15.18 -2.86 27.27
C VAL B 102 -13.98 -1.99 27.57
N PHE B 103 -13.71 -1.01 26.71
CA PHE B 103 -12.61 -0.08 26.90
C PHE B 103 -13.16 1.29 27.26
N GLU B 104 -12.57 1.92 28.26
CA GLU B 104 -13.03 3.23 28.71
C GLU B 104 -11.85 3.97 29.32
N ALA B 105 -11.41 5.04 28.68
CA ALA B 105 -10.37 5.87 29.25
C ALA B 105 -10.94 6.67 30.42
N PRO B 106 -10.23 6.76 31.54
CA PRO B 106 -10.78 7.46 32.72
C PRO B 106 -10.81 8.97 32.56
N ASN B 107 -9.89 9.55 31.80
CA ASN B 107 -9.95 10.97 31.51
C ASN B 107 -11.01 11.29 30.46
N GLN B 108 -11.34 10.33 29.61
CA GLN B 108 -12.28 10.54 28.51
C GLN B 108 -13.64 9.93 28.84
N GLU B 109 -14.51 9.92 27.83
CA GLU B 109 -15.86 9.37 27.93
C GLU B 109 -16.08 8.21 26.97
N LYS B 110 -15.05 7.83 26.21
CA LYS B 110 -15.16 6.85 25.13
C LYS B 110 -15.37 5.44 25.65
N VAL B 111 -16.62 5.00 25.71
CA VAL B 111 -16.96 3.64 26.11
C VAL B 111 -16.91 2.78 24.85
N SER B 112 -15.90 1.93 24.76
CA SER B 112 -15.65 1.15 23.55
C SER B 112 -15.98 -0.32 23.82
N ASP B 113 -17.22 -0.70 23.55
CA ASP B 113 -17.67 -2.08 23.77
C ASP B 113 -17.30 -2.92 22.55
N TYR B 114 -16.52 -3.97 22.77
CA TYR B 114 -16.05 -4.84 21.69
C TYR B 114 -16.39 -6.28 22.03
N GLU B 115 -17.20 -6.90 21.19
CA GLU B 115 -17.59 -8.29 21.37
C GLU B 115 -16.90 -9.16 20.34
N MET B 116 -16.69 -10.43 20.68
CA MET B 116 -15.95 -11.34 19.82
C MET B 116 -16.77 -12.57 19.48
N LYS B 117 -16.48 -13.14 18.31
CA LYS B 117 -16.96 -14.47 17.96
C LYS B 117 -15.87 -15.48 18.32
N LEU B 118 -16.29 -16.58 18.95
CA LEU B 118 -15.38 -17.49 19.63
C LEU B 118 -15.45 -18.87 19.01
N MET B 119 -14.29 -19.39 18.62
CA MET B 119 -14.17 -20.76 18.12
C MET B 119 -13.55 -21.60 19.22
N ASP B 120 -14.39 -22.38 19.89
CA ASP B 120 -13.94 -23.23 21.00
C ASP B 120 -13.24 -24.44 20.42
N LEU B 121 -11.90 -24.41 20.40
CA LEU B 121 -11.12 -25.50 19.84
C LEU B 121 -11.06 -26.71 20.77
N ASP B 122 -11.24 -26.48 22.09
CA ASP B 122 -11.22 -27.48 23.16
C ASP B 122 -9.90 -28.27 23.19
N VAL B 123 -8.79 -27.56 23.05
CA VAL B 123 -7.46 -28.16 23.10
C VAL B 123 -7.13 -28.48 24.54
N GLU B 124 -6.70 -29.73 24.79
CA GLU B 124 -6.27 -30.14 26.12
C GLU B 124 -4.96 -29.44 26.49
N GLN B 125 -4.88 -28.96 27.72
CA GLN B 125 -3.76 -28.13 28.16
C GLN B 125 -2.53 -28.98 28.42
N LEU B 126 -1.37 -28.33 28.32
CA LEU B 126 -0.08 -28.95 28.61
C LEU B 126 0.48 -28.32 29.87
N GLY B 127 0.62 -29.12 30.92
CA GLY B 127 1.17 -28.67 32.19
C GLY B 127 2.53 -29.30 32.41
N ILE B 128 3.46 -28.52 32.92
CA ILE B 128 4.84 -28.95 33.14
C ILE B 128 5.13 -28.94 34.64
N PRO B 129 5.63 -30.04 35.20
CA PRO B 129 6.02 -30.04 36.62
C PRO B 129 7.35 -29.36 36.83
N GLU B 130 7.33 -28.04 37.00
CA GLU B 130 8.55 -27.23 37.07
C GLU B 130 9.34 -27.51 38.35
N GLN B 131 10.66 -27.40 38.23
CA GLN B 131 11.58 -27.78 39.29
C GLN B 131 12.64 -26.68 39.40
N GLU B 132 13.66 -26.93 40.24
CA GLU B 132 14.78 -26.00 40.31
C GLU B 132 15.65 -26.12 39.06
N TYR B 133 16.38 -25.05 38.77
CA TYR B 133 17.17 -24.95 37.55
C TYR B 133 18.62 -24.62 37.88
N SER B 134 19.43 -24.61 36.84
CA SER B 134 20.87 -24.40 37.01
C SER B 134 21.21 -22.92 37.21
N CYS B 135 20.96 -22.09 36.19
CA CYS B 135 21.26 -20.68 36.29
C CYS B 135 20.00 -19.86 36.06
N VAL B 136 19.67 -19.02 37.04
CA VAL B 136 18.49 -18.16 37.00
C VAL B 136 19.00 -16.78 36.60
N VAL B 137 18.96 -16.48 35.31
CA VAL B 137 19.56 -15.26 34.77
C VAL B 137 18.47 -14.20 34.73
N LYS B 138 18.41 -13.40 35.79
CA LYS B 138 17.53 -12.24 35.81
C LYS B 138 18.24 -11.09 35.12
N MET B 139 17.77 -10.71 33.94
CA MET B 139 18.50 -9.86 33.02
C MET B 139 17.52 -8.86 32.40
N PRO B 140 17.98 -7.68 31.98
CA PRO B 140 17.04 -6.65 31.52
C PRO B 140 16.42 -6.99 30.16
N SER B 141 15.09 -6.86 30.08
CA SER B 141 14.33 -7.43 28.96
C SER B 141 14.49 -6.63 27.68
N GLY B 142 14.45 -5.29 27.77
CA GLY B 142 14.62 -4.46 26.59
C GLY B 142 16.04 -4.46 26.06
N GLU B 143 17.01 -4.79 26.90
CA GLU B 143 18.36 -5.05 26.47
C GLU B 143 18.54 -6.50 26.01
N PHE B 144 17.72 -7.43 26.52
CA PHE B 144 17.69 -8.79 25.98
C PHE B 144 16.99 -8.84 24.63
N ALA B 145 16.03 -7.93 24.40
CA ALA B 145 15.22 -7.94 23.18
C ALA B 145 16.04 -7.57 21.95
N ARG B 146 17.09 -6.78 22.12
CA ARG B 146 17.99 -6.56 21.01
C ARG B 146 19.05 -7.63 20.87
N ILE B 147 19.31 -8.41 21.93
CA ILE B 147 20.38 -9.42 21.90
C ILE B 147 20.00 -10.57 20.98
N CYS B 148 18.75 -11.04 21.05
CA CYS B 148 18.26 -11.98 20.07
C CYS B 148 17.98 -11.32 18.72
N ARG B 149 17.81 -10.01 18.68
CA ARG B 149 17.67 -9.31 17.42
C ARG B 149 19.01 -9.14 16.72
N ASP B 150 20.10 -8.98 17.48
CA ASP B 150 21.44 -8.91 16.88
C ASP B 150 21.86 -10.23 16.28
N LEU B 151 21.73 -11.33 17.03
CA LEU B 151 22.28 -12.59 16.58
C LEU B 151 21.42 -13.29 15.54
N SER B 152 20.18 -12.82 15.31
CA SER B 152 19.35 -13.41 14.28
C SER B 152 19.78 -13.01 12.88
N HIS B 153 20.55 -11.92 12.74
CA HIS B 153 21.10 -11.56 11.45
C HIS B 153 22.23 -12.49 11.05
N ILE B 154 22.91 -13.11 12.02
CA ILE B 154 24.05 -13.97 11.75
C ILE B 154 23.57 -15.38 11.43
N GLY B 155 22.86 -16.00 12.38
CA GLY B 155 22.43 -17.38 12.21
C GLY B 155 21.09 -17.62 12.86
N ASP B 156 20.57 -18.83 12.64
CA ASP B 156 19.29 -19.25 13.20
C ASP B 156 19.44 -20.01 14.50
N ALA B 157 20.66 -20.12 15.04
CA ALA B 157 20.90 -20.86 16.27
C ALA B 157 21.81 -20.04 17.17
N VAL B 158 21.60 -20.17 18.48
CA VAL B 158 22.41 -19.51 19.47
C VAL B 158 22.85 -20.58 20.48
N VAL B 159 23.99 -20.34 21.13
CA VAL B 159 24.45 -21.18 22.23
C VAL B 159 24.54 -20.28 23.46
N ILE B 160 23.68 -20.53 24.44
CA ILE B 160 23.68 -19.77 25.69
C ILE B 160 24.49 -20.56 26.71
N SER B 161 25.49 -19.91 27.30
CA SER B 161 26.44 -20.57 28.19
C SER B 161 26.55 -19.79 29.48
N CYS B 162 26.00 -20.33 30.56
CA CYS B 162 26.16 -19.75 31.89
C CYS B 162 27.55 -20.10 32.42
N ALA B 163 28.28 -19.09 32.87
CA ALA B 163 29.64 -19.27 33.35
C ALA B 163 29.79 -18.55 34.67
N LYS B 164 31.03 -18.47 35.16
CA LYS B 164 31.31 -17.82 36.44
C LYS B 164 31.20 -16.31 36.31
N ASP B 165 31.80 -15.73 35.26
CA ASP B 165 31.78 -14.29 35.09
C ASP B 165 30.42 -13.79 34.58
N GLY B 166 29.77 -14.58 33.73
CA GLY B 166 28.48 -14.18 33.20
C GLY B 166 28.08 -15.07 32.04
N VAL B 167 26.93 -14.72 31.46
CA VAL B 167 26.38 -15.49 30.35
C VAL B 167 27.10 -15.14 29.05
N LYS B 168 26.89 -15.96 28.02
CA LYS B 168 27.56 -15.77 26.73
C LYS B 168 26.61 -16.26 25.65
N PHE B 169 26.00 -15.34 24.92
CA PHE B 169 25.07 -15.69 23.85
C PHE B 169 25.84 -15.86 22.53
N SER B 170 26.64 -16.92 22.48
CA SER B 170 27.48 -17.18 21.33
C SER B 170 26.64 -17.77 20.20
N ALA B 171 26.62 -17.11 19.06
CA ALA B 171 25.84 -17.56 17.91
C ALA B 171 26.73 -17.61 16.68
N SER B 172 26.73 -18.75 16.00
CA SER B 172 27.49 -18.91 14.77
C SER B 172 26.61 -18.61 13.58
N GLY B 173 27.12 -18.85 12.38
CA GLY B 173 26.36 -18.65 11.17
C GLY B 173 27.26 -18.61 9.96
N GLU B 174 26.62 -18.62 8.79
CA GLU B 174 27.36 -18.52 7.54
C GLU B 174 27.86 -17.12 7.25
N LEU B 175 27.28 -16.11 7.91
CA LEU B 175 27.75 -14.73 7.74
C LEU B 175 28.94 -14.44 8.63
N GLY B 176 29.08 -15.15 9.74
CA GLY B 176 30.21 -14.94 10.62
C GLY B 176 29.99 -15.61 11.96
N ASN B 177 30.80 -15.22 12.93
CA ASN B 177 30.72 -15.73 14.30
C ASN B 177 30.40 -14.58 15.24
N GLY B 178 29.39 -14.78 16.09
CA GLY B 178 28.99 -13.72 17.00
C GLY B 178 28.89 -14.17 18.44
N ASN B 179 29.64 -13.53 19.33
CA ASN B 179 29.66 -13.87 20.74
C ASN B 179 29.32 -12.62 21.55
N ILE B 180 28.28 -12.71 22.38
CA ILE B 180 27.98 -11.62 23.28
C ILE B 180 28.27 -12.08 24.70
N LYS B 181 29.50 -11.81 25.16
CA LYS B 181 29.94 -12.25 26.49
C LYS B 181 29.47 -11.21 27.51
N LEU B 182 28.23 -11.37 27.95
CA LEU B 182 27.62 -10.45 28.90
C LEU B 182 28.09 -10.85 30.29
N SER B 183 28.99 -10.07 30.87
CA SER B 183 29.42 -10.32 32.23
C SER B 183 28.36 -9.81 33.21
N GLN B 184 28.35 -10.42 34.39
CA GLN B 184 27.36 -10.09 35.41
C GLN B 184 27.72 -8.78 36.10
N THR B 185 26.79 -7.82 36.10
CA THR B 185 27.03 -6.53 36.71
C THR B 185 26.72 -6.56 38.21
N SER B 186 25.44 -6.83 38.54
CA SER B 186 24.90 -6.97 39.91
C SER B 186 25.15 -5.72 40.77
N ASN B 187 24.96 -4.56 40.17
CA ASN B 187 25.02 -3.31 40.93
C ASN B 187 23.77 -3.14 41.78
N VAL B 188 23.94 -2.52 42.95
CA VAL B 188 22.83 -2.38 43.89
C VAL B 188 21.87 -1.26 43.51
N ASP B 189 22.26 -0.37 42.60
CA ASP B 189 21.38 0.68 42.11
C ASP B 189 20.78 0.27 40.77
N LYS B 190 19.55 0.76 40.54
CA LYS B 190 18.74 0.56 39.32
C LYS B 190 18.49 -0.92 39.06
N GLU B 191 17.71 -1.53 39.97
CA GLU B 191 17.42 -2.96 39.94
C GLU B 191 16.56 -3.38 38.75
N GLU B 192 15.81 -2.46 38.15
CA GLU B 192 15.01 -2.76 36.96
C GLU B 192 15.84 -2.89 35.70
N GLU B 193 17.12 -2.51 35.71
CA GLU B 193 17.98 -2.66 34.54
C GLU B 193 19.32 -3.28 34.90
N ALA B 194 19.34 -4.14 35.91
CA ALA B 194 20.54 -4.83 36.36
C ALA B 194 20.50 -6.29 35.91
N VAL B 195 21.65 -6.95 36.00
CA VAL B 195 21.80 -8.36 35.67
C VAL B 195 22.05 -9.14 36.95
N THR B 196 21.26 -10.19 37.18
CA THR B 196 21.42 -11.05 38.34
C THR B 196 21.46 -12.50 37.87
N ILE B 197 22.62 -13.13 38.01
CA ILE B 197 22.83 -14.51 37.57
C ILE B 197 23.12 -15.37 38.79
N GLU B 198 22.37 -16.45 38.95
CA GLU B 198 22.61 -17.45 39.99
C GLU B 198 23.46 -18.56 39.40
N MET B 199 24.32 -19.15 40.21
CA MET B 199 25.35 -20.08 39.73
C MET B 199 25.24 -21.41 40.44
N ASN B 200 25.00 -22.49 39.68
CA ASN B 200 25.02 -23.83 40.25
C ASN B 200 26.00 -24.76 39.55
N GLU B 201 25.97 -24.83 38.22
CA GLU B 201 26.74 -25.84 37.49
C GLU B 201 27.01 -25.30 36.09
N PRO B 202 28.10 -25.73 35.43
CA PRO B 202 28.40 -25.19 34.08
C PRO B 202 27.42 -25.66 33.01
N VAL B 203 26.97 -24.71 32.20
CA VAL B 203 25.82 -24.86 31.32
C VAL B 203 26.27 -24.60 29.87
N GLN B 204 25.94 -25.53 28.97
CA GLN B 204 26.22 -25.33 27.54
C GLN B 204 25.11 -25.99 26.73
N LEU B 205 24.19 -25.17 26.21
CA LEU B 205 23.06 -25.64 25.41
C LEU B 205 22.92 -24.81 24.14
N THR B 206 22.59 -25.48 23.04
CA THR B 206 22.39 -24.85 21.74
C THR B 206 20.89 -24.75 21.45
N PHE B 207 20.43 -23.54 21.14
CA PHE B 207 19.01 -23.27 20.95
C PHE B 207 18.69 -22.94 19.50
N ALA B 208 17.41 -22.63 19.26
CA ALA B 208 16.92 -22.11 18.00
C ALA B 208 16.54 -20.65 18.19
N LEU B 209 16.98 -19.79 17.28
CA LEU B 209 16.89 -18.35 17.43
C LEU B 209 15.70 -17.73 16.71
N ARG B 210 14.97 -18.51 15.90
CA ARG B 210 13.78 -17.99 15.24
C ARG B 210 12.65 -17.79 16.24
N TYR B 211 12.55 -18.66 17.23
CA TYR B 211 11.52 -18.53 18.25
C TYR B 211 11.92 -17.58 19.36
N LEU B 212 13.21 -17.34 19.57
CA LEU B 212 13.64 -16.33 20.52
C LEU B 212 13.39 -14.90 20.02
N ASN B 213 13.25 -14.71 18.70
CA ASN B 213 12.73 -13.45 18.20
C ASN B 213 11.26 -13.28 18.58
N PHE B 214 10.49 -14.37 18.58
CA PHE B 214 9.10 -14.32 19.00
C PHE B 214 8.98 -14.12 20.51
N PHE B 215 9.97 -14.56 21.27
CA PHE B 215 9.85 -14.52 22.72
C PHE B 215 10.12 -13.13 23.27
N THR B 216 10.80 -12.28 22.50
CA THR B 216 11.14 -10.94 22.95
C THR B 216 10.09 -9.90 22.57
N LYS B 217 8.93 -10.34 22.07
CA LYS B 217 7.83 -9.44 21.82
C LYS B 217 7.04 -9.10 23.07
N ALA B 218 7.26 -9.83 24.17
CA ALA B 218 6.62 -9.54 25.44
C ALA B 218 7.43 -8.61 26.32
N THR B 219 8.54 -8.12 25.82
CA THR B 219 9.41 -7.17 26.52
C THR B 219 8.85 -5.80 26.92
N PRO B 220 7.79 -5.23 26.32
CA PRO B 220 7.14 -4.07 26.98
C PRO B 220 6.32 -4.39 28.22
N LEU B 221 6.12 -5.66 28.59
CA LEU B 221 5.49 -5.97 29.87
C LEU B 221 6.43 -5.71 31.03
N SER B 222 7.54 -6.42 31.07
CA SER B 222 8.47 -6.37 32.18
C SER B 222 9.78 -5.74 31.73
N SER B 223 10.41 -4.98 32.64
CA SER B 223 11.75 -4.47 32.37
C SER B 223 12.80 -5.56 32.53
N THR B 224 12.53 -6.57 33.36
CA THR B 224 13.47 -7.65 33.64
C THR B 224 12.88 -8.97 33.17
N VAL B 225 13.70 -9.76 32.47
CA VAL B 225 13.32 -11.08 32.01
C VAL B 225 14.21 -12.10 32.72
N THR B 226 13.61 -13.22 33.11
CA THR B 226 14.36 -14.35 33.64
C THR B 226 14.64 -15.32 32.51
N LEU B 227 15.91 -15.69 32.35
CA LEU B 227 16.32 -16.80 31.47
C LEU B 227 16.81 -17.91 32.37
N SER B 228 15.90 -18.76 32.81
CA SER B 228 16.20 -19.83 33.74
C SER B 228 16.26 -21.14 32.99
N MET B 229 17.38 -21.86 33.09
CA MET B 229 17.57 -23.05 32.29
C MET B 229 18.33 -24.09 33.12
N SER B 230 18.33 -25.32 32.64
CA SER B 230 19.15 -26.37 33.20
C SER B 230 19.69 -27.20 32.03
N ALA B 231 20.16 -28.41 32.33
CA ALA B 231 21.02 -29.16 31.40
C ALA B 231 20.25 -29.70 30.20
N ASP B 232 19.08 -30.30 30.42
CA ASP B 232 18.35 -30.91 29.30
C ASP B 232 16.85 -30.67 29.54
N VAL B 233 16.51 -29.47 30.00
CA VAL B 233 15.12 -29.05 30.20
C VAL B 233 15.00 -27.77 29.37
N PRO B 234 13.84 -27.50 28.74
CA PRO B 234 13.63 -26.21 28.08
C PRO B 234 13.73 -25.01 29.03
N LEU B 235 14.23 -23.90 28.48
CA LEU B 235 14.43 -22.67 29.25
C LEU B 235 13.08 -22.02 29.52
N VAL B 236 13.00 -21.26 30.61
CA VAL B 236 11.80 -20.53 30.98
C VAL B 236 12.07 -19.05 30.70
N VAL B 237 11.37 -18.47 29.73
CA VAL B 237 11.52 -17.05 29.42
C VAL B 237 10.45 -16.34 30.24
N GLU B 238 10.75 -16.06 31.50
CA GLU B 238 9.74 -15.59 32.44
C GLU B 238 9.70 -14.07 32.45
N TYR B 239 8.58 -13.52 32.03
CA TYR B 239 8.31 -12.09 32.13
C TYR B 239 7.43 -11.85 33.35
N LYS B 240 8.01 -11.30 34.40
CA LYS B 240 7.27 -11.01 35.62
C LYS B 240 6.50 -9.72 35.39
N ILE B 241 5.21 -9.86 35.08
CA ILE B 241 4.31 -8.72 34.97
C ILE B 241 4.09 -8.14 36.36
N ALA B 242 4.00 -6.81 36.45
CA ALA B 242 3.83 -6.11 37.72
C ALA B 242 2.47 -6.42 38.32
N ASP B 243 2.49 -6.67 39.65
CA ASP B 243 1.49 -7.12 40.62
C ASP B 243 0.44 -8.08 40.04
N MET B 244 0.92 -9.08 39.30
CA MET B 244 0.12 -10.13 38.68
C MET B 244 0.95 -11.41 38.71
N GLY B 245 0.56 -12.36 37.87
CA GLY B 245 1.35 -13.56 37.66
C GLY B 245 2.49 -13.35 36.70
N HIS B 246 2.63 -14.24 35.72
CA HIS B 246 3.81 -14.22 34.87
C HIS B 246 3.46 -14.80 33.51
N LEU B 247 4.23 -14.38 32.50
CA LEU B 247 4.14 -14.93 31.15
C LEU B 247 5.46 -15.63 30.86
N LYS B 248 5.42 -16.96 30.82
CA LYS B 248 6.61 -17.78 30.64
C LYS B 248 6.59 -18.43 29.27
N TYR B 249 7.74 -18.47 28.61
CA TYR B 249 7.84 -19.14 27.32
C TYR B 249 8.86 -20.26 27.43
N TYR B 250 8.69 -21.29 26.62
CA TYR B 250 9.53 -22.48 26.68
C TYR B 250 10.07 -22.80 25.30
N LEU B 251 11.29 -23.33 25.25
CA LEU B 251 11.89 -23.73 23.97
C LEU B 251 12.74 -24.96 24.21
N ALA B 252 12.38 -26.07 23.57
CA ALA B 252 13.22 -27.26 23.61
C ALA B 252 14.47 -27.04 22.76
N PRO B 253 15.65 -27.36 23.28
CA PRO B 253 16.90 -26.99 22.59
C PRO B 253 17.19 -27.89 21.40
N LYS B 254 18.14 -27.44 20.59
CA LYS B 254 18.55 -28.15 19.38
C LYS B 254 19.34 -29.41 19.70
N MET C 1 -0.54 36.50 -12.78
CA MET C 1 -1.97 36.70 -13.00
C MET C 1 -2.75 36.17 -11.80
N PHE C 2 -2.57 34.89 -11.48
CA PHE C 2 -3.09 34.32 -10.24
C PHE C 2 -1.91 34.07 -9.32
N GLU C 3 -1.95 34.68 -8.14
CA GLU C 3 -0.90 34.51 -7.15
C GLU C 3 -1.54 34.30 -5.79
N ALA C 4 -1.22 33.19 -5.14
CA ALA C 4 -1.81 32.81 -3.86
C ALA C 4 -0.67 32.54 -2.88
N ARG C 5 -0.20 33.58 -2.20
CA ARG C 5 0.87 33.45 -1.23
C ARG C 5 0.29 33.04 0.11
N LEU C 6 0.82 31.96 0.67
CA LEU C 6 0.36 31.42 1.95
C LEU C 6 1.54 31.36 2.90
N VAL C 7 1.46 32.11 4.00
CA VAL C 7 2.54 32.13 4.99
C VAL C 7 2.58 30.81 5.76
N GLN C 8 1.43 30.37 6.26
CA GLN C 8 1.31 29.06 6.91
C GLN C 8 1.10 28.00 5.83
N GLY C 9 2.19 27.67 5.15
CA GLY C 9 2.16 26.78 4.00
C GLY C 9 1.95 25.32 4.32
N SER C 10 2.05 24.94 5.59
CA SER C 10 1.76 23.57 5.98
C SER C 10 0.26 23.26 5.93
N ILE C 11 -0.60 24.28 5.91
CA ILE C 11 -2.04 24.09 5.72
C ILE C 11 -2.33 23.53 4.34
N LEU C 12 -1.71 24.10 3.30
CA LEU C 12 -1.84 23.60 1.95
C LEU C 12 -1.08 22.28 1.75
N LYS C 13 -0.04 22.05 2.54
CA LYS C 13 0.62 20.75 2.55
C LYS C 13 -0.29 19.67 3.11
N LYS C 14 -0.98 19.95 4.23
CA LYS C 14 -1.81 18.95 4.89
C LYS C 14 -3.12 18.69 4.16
N VAL C 15 -3.52 19.59 3.26
CA VAL C 15 -4.69 19.34 2.42
C VAL C 15 -4.40 18.22 1.42
N LEU C 16 -3.26 18.31 0.73
CA LEU C 16 -3.01 17.39 -0.38
C LEU C 16 -2.50 16.03 0.06
N GLU C 17 -2.08 15.86 1.33
CA GLU C 17 -1.90 14.51 1.84
C GLU C 17 -3.22 13.84 2.19
N ALA C 18 -4.27 14.62 2.38
CA ALA C 18 -5.60 14.10 2.63
C ALA C 18 -6.40 13.83 1.37
N LEU C 19 -5.90 14.24 0.21
CA LEU C 19 -6.60 14.04 -1.05
C LEU C 19 -5.82 13.20 -2.04
N LYS C 20 -4.55 12.87 -1.76
CA LYS C 20 -3.77 12.05 -2.66
C LYS C 20 -4.21 10.58 -2.65
N ASP C 21 -4.86 10.13 -1.58
CA ASP C 21 -5.33 8.76 -1.48
C ASP C 21 -6.78 8.60 -1.91
N LEU C 22 -7.47 9.71 -2.19
CA LEU C 22 -8.86 9.66 -2.60
C LEU C 22 -9.05 10.17 -4.02
N ILE C 23 -8.61 11.39 -4.32
CA ILE C 23 -8.79 12.00 -5.63
C ILE C 23 -7.50 11.83 -6.42
N ASN C 24 -7.59 11.14 -7.56
CA ASN C 24 -6.45 11.06 -8.46
C ASN C 24 -6.24 12.36 -9.22
N GLU C 25 -7.33 12.95 -9.73
CA GLU C 25 -7.25 14.15 -10.55
C GLU C 25 -8.41 15.07 -10.21
N ALA C 26 -8.10 16.34 -9.91
CA ALA C 26 -9.11 17.30 -9.49
C ALA C 26 -9.01 18.57 -10.32
N CYS C 27 -10.12 19.30 -10.37
CA CYS C 27 -10.18 20.62 -10.97
C CYS C 27 -10.29 21.65 -9.86
N TRP C 28 -9.30 22.54 -9.78
CA TRP C 28 -9.28 23.59 -8.78
C TRP C 28 -10.06 24.77 -9.32
N ASP C 29 -11.28 24.98 -8.81
CA ASP C 29 -12.11 26.10 -9.25
C ASP C 29 -11.60 27.37 -8.57
N ILE C 30 -10.60 27.98 -9.18
CA ILE C 30 -9.97 29.18 -8.65
C ILE C 30 -10.87 30.36 -9.00
N SER C 31 -11.63 30.84 -8.03
CA SER C 31 -12.42 32.04 -8.22
C SER C 31 -11.62 33.26 -7.75
N SER C 32 -12.22 34.44 -7.90
CA SER C 32 -11.59 35.64 -7.38
C SER C 32 -11.83 35.82 -5.88
N SER C 33 -12.79 35.08 -5.31
CA SER C 33 -13.09 35.16 -3.89
C SER C 33 -12.50 34.02 -3.09
N GLY C 34 -11.76 33.11 -3.72
CA GLY C 34 -11.14 32.03 -2.98
C GLY C 34 -10.67 30.92 -3.90
N VAL C 35 -10.31 29.81 -3.27
CA VAL C 35 -9.86 28.60 -3.95
C VAL C 35 -10.85 27.50 -3.63
N ASN C 36 -11.46 26.93 -4.65
CA ASN C 36 -12.50 25.92 -4.47
C ASN C 36 -12.11 24.63 -5.17
N LEU C 37 -12.47 23.50 -4.55
CA LEU C 37 -12.30 22.19 -5.15
C LEU C 37 -13.54 21.38 -4.83
N GLN C 38 -14.26 20.96 -5.86
CA GLN C 38 -15.44 20.09 -5.71
C GLN C 38 -15.22 18.93 -6.67
N SER C 39 -14.47 17.93 -6.22
CA SER C 39 -14.10 16.80 -7.05
C SER C 39 -14.57 15.52 -6.37
N MET C 40 -15.58 14.89 -6.96
CA MET C 40 -16.09 13.62 -6.48
C MET C 40 -15.11 12.51 -6.82
N ASP C 41 -15.08 11.47 -5.98
CA ASP C 41 -14.21 10.32 -6.14
C ASP C 41 -14.52 9.56 -7.42
N SER C 42 -13.49 8.89 -7.96
CA SER C 42 -13.63 8.06 -9.14
C SER C 42 -14.40 6.77 -8.87
N SER C 43 -14.56 6.40 -7.61
CA SER C 43 -15.42 5.29 -7.20
C SER C 43 -16.88 5.71 -7.03
N HIS C 44 -17.21 6.97 -7.36
CA HIS C 44 -18.57 7.53 -7.45
C HIS C 44 -19.31 7.52 -6.12
N VAL C 45 -18.57 7.64 -5.02
CA VAL C 45 -19.15 7.60 -3.67
C VAL C 45 -19.00 8.93 -2.97
N SER C 46 -17.78 9.44 -2.86
CA SER C 46 -17.46 10.52 -1.93
C SER C 46 -17.09 11.81 -2.66
N LEU C 47 -17.71 12.91 -2.26
CA LEU C 47 -17.36 14.23 -2.73
C LEU C 47 -16.41 14.89 -1.74
N VAL C 48 -15.48 15.68 -2.26
CA VAL C 48 -14.60 16.50 -1.45
C VAL C 48 -14.89 17.95 -1.78
N GLN C 49 -15.34 18.71 -0.78
CA GLN C 49 -15.58 20.13 -0.95
C GLN C 49 -14.52 20.88 -0.17
N LEU C 50 -13.60 21.51 -0.88
CA LEU C 50 -12.52 22.30 -0.29
C LEU C 50 -12.77 23.77 -0.56
N THR C 51 -12.63 24.59 0.49
CA THR C 51 -12.87 26.03 0.36
C THR C 51 -11.74 26.77 1.07
N LEU C 52 -10.71 27.15 0.30
CA LEU C 52 -9.67 28.04 0.81
C LEU C 52 -10.04 29.45 0.38
N ARG C 53 -10.47 30.27 1.35
CA ARG C 53 -10.99 31.59 1.03
C ARG C 53 -9.86 32.57 0.72
N SER C 54 -10.25 33.72 0.16
CA SER C 54 -9.27 34.74 -0.24
C SER C 54 -8.70 35.47 0.96
N GLU C 55 -9.52 35.67 2.01
CA GLU C 55 -9.05 36.40 3.19
C GLU C 55 -8.12 35.59 4.05
N GLY C 56 -8.13 34.25 3.92
CA GLY C 56 -7.18 33.44 4.65
C GLY C 56 -5.78 33.47 4.10
N PHE C 57 -5.65 33.65 2.78
CA PHE C 57 -4.33 33.76 2.16
C PHE C 57 -3.69 35.10 2.48
N ASP C 58 -2.37 35.14 2.40
CA ASP C 58 -1.65 36.37 2.72
C ASP C 58 -1.74 37.38 1.57
N THR C 59 -1.27 36.99 0.39
CA THR C 59 -1.32 37.85 -0.80
C THR C 59 -2.05 37.08 -1.89
N TYR C 60 -3.37 37.21 -1.91
CA TYR C 60 -4.21 36.54 -2.90
C TYR C 60 -4.72 37.57 -3.88
N ARG C 61 -4.42 37.36 -5.16
CA ARG C 61 -5.04 38.12 -6.23
C ARG C 61 -5.38 37.16 -7.37
N CYS C 62 -6.47 37.45 -8.05
CA CYS C 62 -6.94 36.60 -9.13
C CYS C 62 -7.78 37.45 -10.07
N ASP C 63 -7.77 37.08 -11.36
CA ASP C 63 -8.42 37.87 -12.39
C ASP C 63 -9.61 37.17 -13.02
N ARG C 64 -9.42 35.97 -13.54
CA ARG C 64 -10.47 35.19 -14.18
C ARG C 64 -10.81 33.98 -13.33
N ASN C 65 -11.86 33.27 -13.73
CA ASN C 65 -12.23 32.03 -13.04
C ASN C 65 -11.42 30.90 -13.64
N LEU C 66 -10.34 30.53 -12.98
CA LEU C 66 -9.45 29.49 -13.50
C LEU C 66 -10.03 28.12 -13.22
N ALA C 67 -9.47 27.12 -13.91
CA ALA C 67 -9.83 25.72 -13.70
C ALA C 67 -8.60 24.90 -14.06
N MET C 68 -7.85 24.46 -13.06
CA MET C 68 -6.59 23.76 -13.26
C MET C 68 -6.79 22.28 -12.96
N GLY C 69 -6.80 21.46 -14.01
CA GLY C 69 -6.88 20.03 -13.85
C GLY C 69 -5.55 19.48 -13.36
N VAL C 70 -5.51 19.08 -12.10
CA VAL C 70 -4.25 18.76 -11.41
C VAL C 70 -4.31 17.32 -10.96
N ASN C 71 -3.32 16.53 -11.37
CA ASN C 71 -3.09 15.21 -10.79
C ASN C 71 -2.66 15.38 -9.34
N LEU C 72 -3.55 15.04 -8.41
CA LEU C 72 -3.29 15.32 -7.00
C LEU C 72 -2.28 14.36 -6.38
N THR C 73 -2.07 13.20 -7.00
CA THR C 73 -0.91 12.37 -6.65
C THR C 73 0.38 13.07 -7.02
N SER C 74 0.40 13.73 -8.18
CA SER C 74 1.57 14.50 -8.60
C SER C 74 1.70 15.80 -7.81
N MET C 75 0.60 16.32 -7.27
CA MET C 75 0.69 17.50 -6.41
C MET C 75 1.28 17.18 -5.05
N SER C 76 0.92 16.03 -4.48
CA SER C 76 1.43 15.68 -3.16
C SER C 76 2.89 15.25 -3.20
N LYS C 77 3.37 14.80 -4.36
CA LYS C 77 4.81 14.58 -4.52
C LYS C 77 5.56 15.90 -4.56
N ILE C 78 4.99 16.91 -5.22
CA ILE C 78 5.60 18.22 -5.28
C ILE C 78 5.46 18.95 -3.94
N LEU C 79 4.29 18.85 -3.30
CA LEU C 79 4.08 19.54 -2.02
C LEU C 79 4.72 18.83 -0.84
N LYS C 80 5.28 17.63 -1.00
CA LYS C 80 6.09 17.03 0.04
C LYS C 80 7.49 17.62 0.10
N CYS C 81 7.90 18.38 -0.92
CA CYS C 81 9.22 18.98 -0.93
C CYS C 81 9.36 20.13 0.06
N ALA C 82 8.28 20.89 0.29
CA ALA C 82 8.32 21.94 1.28
C ALA C 82 8.24 21.36 2.69
N GLY C 83 8.85 22.05 3.64
CA GLY C 83 8.72 21.69 5.03
C GLY C 83 7.49 22.31 5.64
N ASN C 84 7.36 22.15 6.97
CA ASN C 84 6.17 22.58 7.67
C ASN C 84 6.17 24.07 8.01
N GLU C 85 7.24 24.80 7.68
CA GLU C 85 7.33 26.21 8.00
C GLU C 85 7.53 27.10 6.78
N ASP C 86 7.54 26.54 5.58
CA ASP C 86 7.81 27.32 4.38
C ASP C 86 6.60 28.13 3.94
N ILE C 87 6.87 29.33 3.45
CA ILE C 87 5.84 30.17 2.84
C ILE C 87 5.63 29.67 1.42
N ILE C 88 4.40 29.26 1.12
CA ILE C 88 4.08 28.58 -0.13
C ILE C 88 3.25 29.52 -0.99
N THR C 89 3.75 29.83 -2.19
CA THR C 89 3.08 30.71 -3.13
C THR C 89 2.75 29.93 -4.39
N LEU C 90 1.46 29.89 -4.75
CA LEU C 90 1.03 29.31 -6.01
C LEU C 90 1.01 30.40 -7.07
N ARG C 91 1.39 30.03 -8.29
CA ARG C 91 1.42 30.98 -9.39
C ARG C 91 0.92 30.32 -10.66
N ALA C 92 0.04 31.01 -11.38
CA ALA C 92 -0.44 30.55 -12.67
C ALA C 92 -0.78 31.78 -13.50
N GLU C 93 -0.06 32.00 -14.59
CA GLU C 93 -0.23 33.20 -15.41
C GLU C 93 -1.25 32.93 -16.51
N ASP C 94 -1.34 33.87 -17.46
CA ASP C 94 -2.29 33.76 -18.55
C ASP C 94 -1.88 32.66 -19.53
N ASN C 95 -2.89 32.06 -20.18
CA ASN C 95 -2.84 30.77 -20.87
C ASN C 95 -2.21 29.71 -19.96
N ALA C 96 -2.94 29.43 -18.89
CA ALA C 96 -2.45 28.65 -17.75
C ALA C 96 -2.32 27.19 -18.13
N ASP C 97 -1.19 26.84 -18.73
CA ASP C 97 -0.84 25.46 -18.98
C ASP C 97 -0.07 24.83 -17.84
N THR C 98 0.44 25.64 -16.92
CA THR C 98 1.24 25.13 -15.81
C THR C 98 0.93 25.91 -14.54
N LEU C 99 1.20 25.27 -13.40
CA LEU C 99 1.03 25.87 -12.09
C LEU C 99 2.38 25.94 -11.40
N ALA C 100 2.81 27.13 -11.02
CA ALA C 100 4.14 27.35 -10.46
C ALA C 100 4.01 27.45 -8.94
N LEU C 101 4.53 26.45 -8.24
CA LEU C 101 4.58 26.46 -6.79
C LEU C 101 5.93 27.00 -6.34
N VAL C 102 5.91 28.05 -5.52
CA VAL C 102 7.13 28.64 -4.98
C VAL C 102 7.12 28.40 -3.48
N PHE C 103 8.06 27.58 -3.01
CA PHE C 103 8.17 27.25 -1.59
C PHE C 103 9.27 28.13 -1.02
N GLU C 104 8.91 29.34 -0.65
CA GLU C 104 9.87 30.28 -0.07
C GLU C 104 10.10 29.92 1.39
N ALA C 105 11.30 29.46 1.71
CA ALA C 105 11.64 29.20 3.09
C ALA C 105 11.88 30.50 3.82
N PRO C 106 11.37 30.66 5.06
CA PRO C 106 11.42 31.98 5.71
C PRO C 106 12.77 32.33 6.32
N ASN C 107 13.55 31.34 6.77
CA ASN C 107 14.78 31.63 7.48
C ASN C 107 16.01 30.99 6.86
N GLN C 108 15.92 29.77 6.35
CA GLN C 108 17.09 29.11 5.78
C GLN C 108 17.34 29.49 4.33
N GLU C 109 16.40 30.22 3.70
CA GLU C 109 16.47 30.77 2.34
C GLU C 109 16.67 29.67 1.29
N LYS C 110 15.70 28.77 1.23
CA LYS C 110 15.64 27.71 0.24
C LYS C 110 14.45 28.02 -0.67
N VAL C 111 14.69 28.84 -1.69
CA VAL C 111 13.63 29.28 -2.58
C VAL C 111 13.40 28.17 -3.60
N SER C 112 12.36 27.37 -3.39
CA SER C 112 12.10 26.18 -4.20
C SER C 112 10.99 26.51 -5.18
N ASP C 113 11.34 26.71 -6.45
CA ASP C 113 10.38 26.90 -7.52
C ASP C 113 10.00 25.52 -8.08
N TYR C 114 8.70 25.30 -8.27
CA TYR C 114 8.18 24.01 -8.71
C TYR C 114 7.12 24.25 -9.77
N GLU C 115 7.44 23.91 -11.01
CA GLU C 115 6.55 24.15 -12.15
C GLU C 115 5.85 22.83 -12.49
N MET C 116 4.54 22.80 -12.31
CA MET C 116 3.74 21.59 -12.46
C MET C 116 3.12 21.51 -13.84
N LYS C 117 3.35 20.40 -14.54
CA LYS C 117 2.61 20.14 -15.77
C LYS C 117 1.19 19.70 -15.42
N LEU C 118 0.21 20.47 -15.89
CA LEU C 118 -1.19 20.18 -15.58
C LEU C 118 -1.75 19.12 -16.53
N MET C 119 -3.00 18.78 -16.29
CA MET C 119 -3.72 17.79 -17.08
C MET C 119 -5.07 18.35 -17.50
N ASP C 120 -5.63 17.77 -18.55
CA ASP C 120 -6.94 18.16 -19.06
C ASP C 120 -8.04 17.30 -18.45
N LEU C 121 -8.87 17.92 -17.61
CA LEU C 121 -9.96 17.24 -16.94
C LEU C 121 -11.27 17.98 -17.21
N ASP C 122 -12.32 17.22 -17.48
CA ASP C 122 -13.68 17.73 -17.57
C ASP C 122 -14.46 17.10 -16.42
N VAL C 123 -14.38 17.72 -15.24
CA VAL C 123 -14.95 17.19 -14.02
C VAL C 123 -16.27 17.89 -13.75
N GLU C 124 -17.35 17.10 -13.65
CA GLU C 124 -18.67 17.64 -13.39
C GLU C 124 -18.80 18.04 -11.92
N GLN C 125 -19.33 19.24 -11.69
CA GLN C 125 -19.57 19.72 -10.34
C GLN C 125 -20.98 19.35 -9.91
N LEU C 126 -21.13 19.02 -8.63
CA LEU C 126 -22.40 18.56 -8.09
C LEU C 126 -23.04 19.68 -7.28
N GLY C 127 -24.33 19.89 -7.52
CA GLY C 127 -25.05 20.94 -6.83
C GLY C 127 -25.37 20.59 -5.39
N ILE C 128 -24.71 21.27 -4.46
CA ILE C 128 -24.89 21.03 -3.03
C ILE C 128 -25.89 22.06 -2.51
N PRO C 129 -27.03 21.64 -1.97
CA PRO C 129 -27.97 22.61 -1.38
C PRO C 129 -27.56 22.97 0.04
N GLU C 130 -28.27 23.94 0.59
CA GLU C 130 -28.10 24.35 1.99
C GLU C 130 -29.29 23.80 2.77
N GLN C 131 -29.06 22.72 3.50
CA GLN C 131 -30.12 22.07 4.27
C GLN C 131 -29.68 21.95 5.73
N GLU C 132 -30.68 21.79 6.60
CA GLU C 132 -30.43 21.63 8.02
C GLU C 132 -30.26 20.14 8.32
N TYR C 133 -29.15 19.79 8.93
CA TYR C 133 -28.84 18.39 9.21
C TYR C 133 -29.44 17.98 10.54
N SER C 134 -29.73 16.68 10.67
CA SER C 134 -30.43 16.18 11.85
C SER C 134 -29.49 16.09 13.04
N CYS C 135 -28.47 15.24 12.96
CA CYS C 135 -27.57 15.02 14.07
C CYS C 135 -26.20 15.57 13.68
N VAL C 136 -25.86 16.73 14.22
CA VAL C 136 -24.58 17.38 13.97
C VAL C 136 -23.68 17.09 15.15
N VAL C 137 -22.62 16.31 14.93
CA VAL C 137 -21.71 15.88 15.99
C VAL C 137 -20.39 16.61 15.81
N LYS C 138 -19.98 17.35 16.83
CA LYS C 138 -18.76 18.15 16.79
C LYS C 138 -17.71 17.42 17.65
N MET C 139 -16.98 16.51 17.01
CA MET C 139 -16.01 15.65 17.67
C MET C 139 -14.65 16.32 17.74
N PRO C 140 -13.77 15.83 18.61
CA PRO C 140 -12.34 16.03 18.40
C PRO C 140 -11.90 15.35 17.11
N SER C 141 -10.95 15.97 16.42
CA SER C 141 -10.52 15.46 15.12
C SER C 141 -9.63 14.23 15.27
N GLY C 142 -8.75 14.23 16.28
CA GLY C 142 -7.91 13.08 16.53
C GLY C 142 -8.63 11.90 17.14
N GLU C 143 -9.78 12.15 17.76
CA GLU C 143 -10.61 11.06 18.27
C GLU C 143 -11.30 10.32 17.11
N PHE C 144 -11.75 11.07 16.10
CA PHE C 144 -12.38 10.46 14.94
C PHE C 144 -11.38 9.75 14.05
N ALA C 145 -10.10 10.15 14.09
CA ALA C 145 -9.06 9.40 13.40
C ALA C 145 -8.79 8.08 14.08
N ARG C 146 -8.98 8.01 15.39
CA ARG C 146 -8.81 6.75 16.11
C ARG C 146 -9.96 5.80 15.81
N ILE C 147 -11.19 6.32 15.80
CA ILE C 147 -12.41 5.49 15.78
C ILE C 147 -12.59 4.82 14.42
N CYS C 148 -12.33 5.55 13.33
CA CYS C 148 -12.38 4.96 11.99
C CYS C 148 -11.24 3.98 11.77
N ARG C 149 -10.07 4.22 12.39
CA ARG C 149 -8.99 3.25 12.32
C ARG C 149 -9.26 2.03 13.19
N ASP C 150 -10.05 2.19 14.26
CA ASP C 150 -10.36 1.06 15.12
C ASP C 150 -11.37 0.12 14.49
N LEU C 151 -12.46 0.66 13.97
CA LEU C 151 -13.54 -0.18 13.47
C LEU C 151 -13.29 -0.72 12.07
N SER C 152 -12.26 -0.23 11.38
CA SER C 152 -11.87 -0.83 10.11
C SER C 152 -11.16 -2.16 10.28
N HIS C 153 -10.64 -2.45 11.48
CA HIS C 153 -10.08 -3.76 11.75
C HIS C 153 -11.17 -4.82 11.84
N ILE C 154 -12.37 -4.45 12.29
CA ILE C 154 -13.45 -5.40 12.40
C ILE C 154 -14.13 -5.63 11.04
N GLY C 155 -14.70 -4.56 10.49
CA GLY C 155 -15.44 -4.69 9.24
C GLY C 155 -15.31 -3.43 8.41
N ASP C 156 -15.92 -3.48 7.23
CA ASP C 156 -15.85 -2.39 6.27
C ASP C 156 -17.05 -1.47 6.34
N ALA C 157 -17.91 -1.61 7.35
CA ALA C 157 -19.11 -0.79 7.48
C ALA C 157 -19.28 -0.36 8.92
N VAL C 158 -19.34 0.94 9.15
CA VAL C 158 -19.68 1.50 10.45
C VAL C 158 -21.18 1.73 10.48
N VAL C 159 -21.79 1.65 11.66
CA VAL C 159 -23.20 1.95 11.85
C VAL C 159 -23.26 3.11 12.83
N ILE C 160 -23.35 4.33 12.33
CA ILE C 160 -23.36 5.50 13.19
C ILE C 160 -24.79 5.76 13.66
N SER C 161 -24.99 5.74 14.97
CA SER C 161 -26.29 5.97 15.58
C SER C 161 -26.19 7.16 16.52
N CYS C 162 -27.22 8.00 16.51
CA CYS C 162 -27.26 9.19 17.37
C CYS C 162 -28.29 8.96 18.47
N ALA C 163 -27.81 8.70 19.68
CA ALA C 163 -28.68 8.55 20.84
C ALA C 163 -29.05 9.93 21.40
N LYS C 164 -29.83 9.92 22.48
CA LYS C 164 -30.26 11.17 23.10
C LYS C 164 -29.11 11.84 23.85
N ASP C 165 -28.18 11.06 24.40
CA ASP C 165 -27.05 11.59 25.14
C ASP C 165 -25.77 10.90 24.67
N GLY C 166 -25.57 10.81 23.36
CA GLY C 166 -24.35 10.22 22.85
C GLY C 166 -24.48 9.84 21.39
N VAL C 167 -23.34 9.47 20.81
CA VAL C 167 -23.26 8.95 19.46
C VAL C 167 -22.57 7.59 19.53
N LYS C 168 -23.08 6.62 18.77
CA LYS C 168 -22.57 5.25 18.81
C LYS C 168 -22.02 4.88 17.45
N PHE C 169 -20.73 4.53 17.40
CA PHE C 169 -20.07 4.10 16.17
C PHE C 169 -20.02 2.57 16.18
N SER C 170 -21.16 1.96 15.89
CA SER C 170 -21.23 0.50 15.89
C SER C 170 -20.62 -0.07 14.62
N ALA C 171 -20.08 -1.28 14.74
CA ALA C 171 -19.53 -1.98 13.59
C ALA C 171 -19.61 -3.48 13.86
N SER C 172 -19.51 -4.26 12.79
CA SER C 172 -19.54 -5.71 12.90
C SER C 172 -18.73 -6.31 11.76
N GLY C 173 -18.31 -7.55 11.96
CA GLY C 173 -17.48 -8.21 10.97
C GLY C 173 -17.17 -9.63 11.36
N GLU C 174 -16.12 -10.19 10.75
CA GLU C 174 -15.74 -11.56 11.06
C GLU C 174 -15.03 -11.65 12.41
N LEU C 175 -14.37 -10.57 12.83
CA LEU C 175 -13.70 -10.56 14.13
C LEU C 175 -14.68 -10.47 15.28
N GLY C 176 -15.85 -9.90 15.04
CA GLY C 176 -16.85 -9.78 16.07
C GLY C 176 -17.66 -8.51 15.85
N ASN C 177 -17.99 -7.86 16.97
CA ASN C 177 -18.82 -6.67 16.97
C ASN C 177 -18.15 -5.61 17.82
N GLY C 178 -18.16 -4.36 17.36
CA GLY C 178 -17.55 -3.29 18.10
C GLY C 178 -18.39 -2.04 18.16
N ASN C 179 -18.73 -1.60 19.37
CA ASN C 179 -19.53 -0.39 19.57
C ASN C 179 -18.70 0.64 20.33
N ILE C 180 -18.58 1.83 19.77
CA ILE C 180 -17.84 2.92 20.40
C ILE C 180 -18.85 4.02 20.70
N LYS C 181 -19.08 4.28 21.99
CA LYS C 181 -20.03 5.29 22.42
C LYS C 181 -19.30 6.54 22.87
N LEU C 182 -19.86 7.71 22.53
CA LEU C 182 -19.26 9.01 22.87
C LEU C 182 -20.37 9.91 23.40
N SER C 183 -20.52 9.96 24.72
CA SER C 183 -21.45 10.88 25.34
C SER C 183 -20.95 12.31 25.21
N GLN C 184 -21.88 13.26 25.21
CA GLN C 184 -21.55 14.66 25.01
C GLN C 184 -20.88 15.23 26.26
N THR C 185 -19.85 16.05 26.03
CA THR C 185 -19.03 16.66 27.08
C THR C 185 -18.98 18.16 26.89
N SER C 186 -20.15 18.79 26.76
CA SER C 186 -20.26 20.23 26.57
C SER C 186 -19.90 21.04 27.82
N ASN C 187 -19.81 20.42 28.99
CA ASN C 187 -19.41 21.11 30.21
C ASN C 187 -17.90 21.36 30.30
N VAL C 188 -17.11 20.72 29.43
CA VAL C 188 -15.67 20.92 29.41
C VAL C 188 -15.36 22.27 28.79
N ASP C 189 -14.46 23.04 29.44
CA ASP C 189 -14.19 24.41 29.04
C ASP C 189 -13.40 24.49 27.73
N LYS C 190 -12.49 23.54 27.49
CA LYS C 190 -11.77 23.51 26.23
C LYS C 190 -12.60 22.80 25.17
N GLU C 191 -12.55 23.32 23.95
CA GLU C 191 -13.31 22.76 22.83
C GLU C 191 -12.50 21.77 22.00
N GLU C 192 -11.24 21.52 22.36
CA GLU C 192 -10.43 20.57 21.63
C GLU C 192 -10.80 19.13 21.97
N GLU C 193 -11.18 18.87 23.21
CA GLU C 193 -11.55 17.53 23.68
C GLU C 193 -13.01 17.47 24.10
N ALA C 194 -13.88 18.11 23.32
CA ALA C 194 -15.29 18.19 23.64
C ALA C 194 -16.12 17.62 22.50
N VAL C 195 -17.13 16.83 22.84
CA VAL C 195 -18.09 16.31 21.87
C VAL C 195 -19.38 17.08 22.06
N THR C 196 -19.80 17.79 21.01
CA THR C 196 -21.04 18.58 21.03
C THR C 196 -21.97 18.02 19.98
N ILE C 197 -23.14 17.54 20.41
CA ILE C 197 -24.08 16.87 19.54
C ILE C 197 -25.33 17.73 19.43
N GLU C 198 -25.65 18.14 18.20
CA GLU C 198 -26.81 18.97 17.91
C GLU C 198 -27.93 18.05 17.43
N MET C 199 -28.95 17.90 18.26
CA MET C 199 -29.97 16.88 18.11
C MET C 199 -31.35 17.50 17.96
N ASN C 200 -32.11 17.04 16.96
CA ASN C 200 -33.54 17.30 16.88
C ASN C 200 -34.37 16.07 16.58
N GLU C 201 -33.87 15.15 15.76
CA GLU C 201 -34.43 13.80 15.60
C GLU C 201 -33.29 12.81 15.60
N PRO C 202 -33.47 11.62 16.18
CA PRO C 202 -32.43 10.59 16.09
C PRO C 202 -32.35 9.99 14.69
N VAL C 203 -31.15 9.54 14.33
CA VAL C 203 -30.93 8.98 13.00
C VAL C 203 -29.86 7.89 13.12
N GLN C 204 -30.01 6.85 12.30
CA GLN C 204 -29.08 5.74 12.26
C GLN C 204 -28.80 5.40 10.80
N LEU C 205 -27.53 5.40 10.42
CA LEU C 205 -27.13 5.14 9.05
C LEU C 205 -26.03 4.09 9.02
N THR C 206 -25.52 3.81 7.82
CA THR C 206 -24.45 2.86 7.62
C THR C 206 -23.50 3.41 6.56
N PHE C 207 -22.23 3.58 6.93
CA PHE C 207 -21.23 4.15 6.03
C PHE C 207 -20.05 3.20 5.88
N ALA C 208 -19.45 3.24 4.70
CA ALA C 208 -18.27 2.43 4.44
C ALA C 208 -17.05 3.01 5.14
N LEU C 209 -16.23 2.16 5.74
CA LEU C 209 -15.09 2.60 6.50
C LEU C 209 -13.82 2.72 5.66
N ARG C 210 -13.85 2.29 4.40
CA ARG C 210 -12.71 2.50 3.52
C ARG C 210 -12.60 3.97 3.12
N TYR C 211 -13.73 4.61 2.85
CA TYR C 211 -13.72 6.04 2.55
C TYR C 211 -13.55 6.87 3.81
N LEU C 212 -14.01 6.36 4.95
CA LEU C 212 -13.83 7.08 6.21
C LEU C 212 -12.39 7.04 6.70
N ASN C 213 -11.62 6.03 6.31
CA ASN C 213 -10.18 6.04 6.57
C ASN C 213 -9.46 7.01 5.67
N PHE C 214 -9.99 7.27 4.47
CA PHE C 214 -9.47 8.33 3.62
C PHE C 214 -9.85 9.70 4.15
N PHE C 215 -10.97 9.78 4.87
CA PHE C 215 -11.46 11.05 5.38
C PHE C 215 -10.66 11.53 6.58
N THR C 216 -10.10 10.61 7.35
CA THR C 216 -9.38 10.93 8.57
C THR C 216 -7.90 11.19 8.34
N LYS C 217 -7.50 11.48 7.10
CA LYS C 217 -6.18 12.00 6.83
C LYS C 217 -6.15 13.52 6.79
N ALA C 218 -7.29 14.17 6.96
CA ALA C 218 -7.37 15.62 7.09
C ALA C 218 -7.28 16.07 8.53
N THR C 219 -7.14 15.15 9.45
CA THR C 219 -6.91 15.42 10.87
C THR C 219 -5.67 16.23 11.27
N PRO C 220 -4.56 16.33 10.51
CA PRO C 220 -3.56 17.36 10.85
C PRO C 220 -3.99 18.80 10.57
N LEU C 221 -5.06 19.05 9.81
CA LEU C 221 -5.51 20.43 9.61
C LEU C 221 -6.20 20.98 10.84
N SER C 222 -7.33 20.41 11.21
CA SER C 222 -8.12 20.92 12.32
C SER C 222 -7.95 20.02 13.52
N SER C 223 -8.23 20.59 14.69
CA SER C 223 -8.27 19.85 15.94
C SER C 223 -9.70 19.50 16.33
N THR C 224 -10.65 19.72 15.43
CA THR C 224 -12.06 19.49 15.71
C THR C 224 -12.76 19.17 14.40
N VAL C 225 -13.42 18.02 14.32
CA VAL C 225 -14.14 17.60 13.13
C VAL C 225 -15.64 17.72 13.42
N THR C 226 -16.41 18.01 12.38
CA THR C 226 -17.86 18.08 12.46
C THR C 226 -18.45 17.01 11.55
N LEU C 227 -19.31 16.17 12.09
CA LEU C 227 -20.06 15.18 11.33
C LEU C 227 -21.51 15.62 11.25
N SER C 228 -22.09 15.59 10.06
CA SER C 228 -23.47 16.01 9.85
C SER C 228 -24.24 14.91 9.16
N MET C 229 -25.34 14.47 9.77
CA MET C 229 -26.18 13.40 9.24
C MET C 229 -27.64 13.83 9.17
N SER C 230 -28.37 13.15 8.30
CA SER C 230 -29.83 13.12 8.31
C SER C 230 -30.27 11.81 7.69
N ALA C 231 -31.59 11.63 7.62
CA ALA C 231 -32.14 10.40 7.05
C ALA C 231 -32.01 10.41 5.54
N ASP C 232 -31.22 9.46 5.01
CA ASP C 232 -30.90 9.29 3.58
C ASP C 232 -30.25 10.53 2.97
N VAL C 233 -29.44 11.23 3.76
CA VAL C 233 -28.68 12.40 3.35
C VAL C 233 -27.23 12.02 3.64
N PRO C 234 -26.27 12.37 2.78
CA PRO C 234 -24.88 11.97 3.01
C PRO C 234 -24.21 12.60 4.22
N LEU C 235 -23.27 11.84 4.80
CA LEU C 235 -22.43 12.29 5.90
C LEU C 235 -21.48 13.39 5.46
N VAL C 236 -21.47 14.49 6.20
CA VAL C 236 -20.59 15.63 5.91
C VAL C 236 -19.49 15.63 6.95
N VAL C 237 -18.33 15.08 6.60
CA VAL C 237 -17.17 15.06 7.49
C VAL C 237 -16.42 16.37 7.23
N GLU C 238 -16.70 17.38 8.05
CA GLU C 238 -16.22 18.72 7.82
C GLU C 238 -15.04 19.03 8.74
N TYR C 239 -13.92 19.42 8.15
CA TYR C 239 -12.74 19.88 8.87
C TYR C 239 -12.63 21.38 8.66
N LYS C 240 -13.06 22.16 9.65
CA LYS C 240 -13.02 23.61 9.56
C LYS C 240 -11.60 24.07 9.83
N ILE C 241 -10.91 24.53 8.78
CA ILE C 241 -9.60 25.12 8.95
C ILE C 241 -9.76 26.49 9.60
N ALA C 242 -8.87 26.81 10.55
CA ALA C 242 -8.95 28.06 11.30
C ALA C 242 -8.61 29.24 10.40
N ASP C 243 -9.54 30.20 10.34
CA ASP C 243 -9.54 31.45 9.53
C ASP C 243 -9.20 31.24 8.04
N MET C 244 -9.54 30.08 7.49
CA MET C 244 -9.35 29.80 6.08
C MET C 244 -10.60 29.27 5.39
N GLY C 245 -11.35 28.39 6.05
CA GLY C 245 -12.49 27.76 5.43
C GLY C 245 -12.66 26.33 5.89
N HIS C 246 -13.28 25.49 5.06
CA HIS C 246 -13.65 24.15 5.45
C HIS C 246 -13.23 23.14 4.38
N LEU C 247 -12.99 21.91 4.83
CA LEU C 247 -12.74 20.77 3.95
C LEU C 247 -13.87 19.78 4.21
N LYS C 248 -14.94 19.87 3.42
CA LYS C 248 -16.11 19.04 3.62
C LYS C 248 -15.98 17.74 2.83
N TYR C 249 -16.14 16.63 3.52
CA TYR C 249 -16.11 15.30 2.91
C TYR C 249 -17.54 14.76 2.89
N TYR C 250 -18.10 14.61 1.70
CA TYR C 250 -19.43 14.02 1.59
C TYR C 250 -19.29 12.51 1.40
N LEU C 251 -20.30 11.77 1.86
CA LEU C 251 -20.20 10.31 1.87
C LEU C 251 -21.58 9.70 1.76
N ALA C 252 -21.84 9.02 0.65
CA ALA C 252 -23.13 8.39 0.43
C ALA C 252 -23.30 7.17 1.33
N PRO C 253 -24.43 7.04 2.02
CA PRO C 253 -24.62 5.92 2.96
C PRO C 253 -24.91 4.61 2.24
N LYS C 254 -24.93 3.54 3.02
CA LYS C 254 -25.34 2.23 2.52
C LYS C 254 -26.83 2.06 2.81
N ILE C 255 -27.59 1.74 1.77
CA ILE C 255 -29.05 1.66 1.83
C ILE C 255 -29.43 0.19 1.75
N GLU C 256 -30.17 -0.29 2.74
CA GLU C 256 -30.61 -1.68 2.78
C GLU C 256 -31.74 -1.93 1.79
N MET D 1 47.20 -8.70 14.71
CA MET D 1 48.30 -7.92 14.16
C MET D 1 47.86 -6.48 13.88
N PHE D 2 46.56 -6.23 13.99
CA PHE D 2 45.98 -4.94 13.71
C PHE D 2 44.83 -4.71 14.67
N GLU D 3 44.91 -3.63 15.45
CA GLU D 3 43.86 -3.28 16.40
C GLU D 3 43.50 -1.83 16.20
N ALA D 4 42.21 -1.56 15.95
CA ALA D 4 41.71 -0.20 15.73
C ALA D 4 40.57 0.04 16.71
N ARG D 5 40.93 0.49 17.91
CA ARG D 5 39.93 0.80 18.92
C ARG D 5 39.38 2.20 18.69
N LEU D 6 38.05 2.31 18.61
CA LEU D 6 37.39 3.59 18.37
C LEU D 6 36.47 3.90 19.55
N VAL D 7 36.40 5.17 19.92
CA VAL D 7 35.72 5.57 21.16
C VAL D 7 34.20 5.47 21.00
N GLN D 8 33.65 6.17 20.02
CA GLN D 8 32.22 6.12 19.77
C GLN D 8 31.95 5.27 18.52
N GLY D 9 30.87 4.51 18.56
CA GLY D 9 30.59 3.53 17.55
C GLY D 9 29.73 4.02 16.41
N SER D 10 29.13 5.20 16.52
CA SER D 10 28.24 5.69 15.48
C SER D 10 28.99 6.20 14.27
N ILE D 11 30.30 6.46 14.42
CA ILE D 11 31.13 6.87 13.29
C ILE D 11 31.30 5.72 12.30
N LEU D 12 31.57 4.51 12.80
CA LEU D 12 31.62 3.35 11.93
C LEU D 12 30.22 2.85 11.56
N LYS D 13 29.22 3.14 12.39
CA LYS D 13 27.86 2.68 12.12
C LYS D 13 27.23 3.46 10.96
N LYS D 14 27.38 4.79 10.97
CA LYS D 14 26.74 5.61 9.94
C LYS D 14 27.48 5.55 8.61
N VAL D 15 28.73 5.08 8.60
CA VAL D 15 29.41 4.76 7.35
C VAL D 15 28.73 3.58 6.67
N LEU D 16 28.43 2.53 7.43
CA LEU D 16 27.96 1.27 6.83
C LEU D 16 26.50 1.35 6.42
N GLU D 17 25.70 2.21 7.05
CA GLU D 17 24.35 2.44 6.55
C GLU D 17 24.36 3.27 5.28
N ALA D 18 25.38 4.09 5.06
CA ALA D 18 25.56 4.80 3.81
C ALA D 18 26.11 3.91 2.70
N LEU D 19 26.76 2.80 3.05
CA LEU D 19 27.49 1.99 2.10
C LEU D 19 26.83 0.65 1.83
N LYS D 20 25.74 0.32 2.53
CA LYS D 20 25.11 -0.98 2.32
C LYS D 20 24.27 -1.01 1.04
N ASP D 21 23.72 0.12 0.63
CA ASP D 21 22.89 0.15 -0.57
C ASP D 21 23.73 0.37 -1.83
N LEU D 22 24.83 1.11 -1.70
CA LEU D 22 25.59 1.51 -2.87
C LEU D 22 26.67 0.50 -3.23
N ILE D 23 27.37 -0.04 -2.24
CA ILE D 23 28.47 -0.97 -2.46
C ILE D 23 28.10 -2.32 -1.89
N ASN D 24 28.17 -3.36 -2.72
CA ASN D 24 27.90 -4.72 -2.25
C ASN D 24 29.15 -5.50 -1.92
N GLU D 25 30.31 -5.12 -2.49
CA GLU D 25 31.52 -5.93 -2.37
C GLU D 25 32.72 -5.04 -2.64
N ALA D 26 33.59 -4.86 -1.65
CA ALA D 26 34.78 -4.05 -1.82
C ALA D 26 35.87 -4.50 -0.87
N CYS D 27 37.06 -3.93 -1.04
CA CYS D 27 38.23 -4.27 -0.24
C CYS D 27 38.67 -3.07 0.59
N TRP D 28 38.97 -3.32 1.87
CA TRP D 28 39.35 -2.26 2.80
C TRP D 28 40.87 -2.19 2.85
N ASP D 29 41.45 -1.22 2.15
CA ASP D 29 42.89 -1.04 2.10
C ASP D 29 43.35 -0.34 3.38
N ILE D 30 43.54 -1.13 4.43
CA ILE D 30 43.92 -0.62 5.74
C ILE D 30 45.43 -0.49 5.80
N SER D 31 45.91 0.74 5.95
CA SER D 31 47.33 1.04 5.96
C SER D 31 47.80 1.31 7.39
N SER D 32 49.09 1.60 7.52
CA SER D 32 49.65 1.91 8.83
C SER D 32 49.29 3.33 9.26
N SER D 33 49.03 4.22 8.31
CA SER D 33 48.68 5.61 8.60
C SER D 33 47.18 5.84 8.64
N GLY D 34 46.37 4.81 8.48
CA GLY D 34 44.93 4.98 8.58
C GLY D 34 44.20 3.91 7.80
N VAL D 35 42.88 4.01 7.82
CA VAL D 35 42.00 3.08 7.13
C VAL D 35 41.52 3.75 5.85
N ASN D 36 41.84 3.14 4.71
CA ASN D 36 41.46 3.68 3.42
C ASN D 36 40.57 2.68 2.68
N LEU D 37 39.76 3.22 1.77
CA LEU D 37 38.86 2.44 0.96
C LEU D 37 38.61 3.22 -0.33
N GLN D 38 38.81 2.56 -1.47
CA GLN D 38 38.76 3.21 -2.78
C GLN D 38 37.79 2.47 -3.69
N SER D 39 36.57 2.26 -3.19
CA SER D 39 35.61 1.37 -3.83
C SER D 39 34.96 2.00 -5.04
N MET D 40 34.07 1.22 -5.66
CA MET D 40 33.28 1.63 -6.81
C MET D 40 32.05 0.73 -6.80
N ASP D 41 30.89 1.27 -7.18
CA ASP D 41 29.62 0.62 -6.91
C ASP D 41 29.39 -0.58 -7.84
N SER D 42 28.27 -1.29 -7.57
CA SER D 42 27.97 -2.52 -8.28
C SER D 42 27.52 -2.29 -9.72
N SER D 43 27.03 -1.09 -10.04
CA SER D 43 26.67 -0.75 -11.41
C SER D 43 27.82 -0.09 -12.17
N HIS D 44 28.96 0.12 -11.48
CA HIS D 44 30.19 0.72 -12.02
C HIS D 44 29.96 2.12 -12.61
N VAL D 45 29.31 2.97 -11.81
CA VAL D 45 29.05 4.36 -12.18
C VAL D 45 29.72 5.32 -11.20
N SER D 46 29.45 5.17 -9.91
CA SER D 46 29.91 6.09 -8.88
C SER D 46 31.08 5.48 -8.11
N LEU D 47 32.16 6.25 -7.98
CA LEU D 47 33.37 5.77 -7.31
C LEU D 47 33.38 6.36 -5.90
N VAL D 48 33.65 5.51 -4.91
CA VAL D 48 33.57 5.88 -3.50
C VAL D 48 34.98 5.82 -2.92
N GLN D 49 35.44 6.93 -2.37
CA GLN D 49 36.72 6.99 -1.68
C GLN D 49 36.48 7.31 -0.21
N LEU D 50 37.07 6.50 0.66
CA LEU D 50 36.91 6.65 2.10
C LEU D 50 38.29 6.72 2.74
N THR D 51 38.40 7.55 3.77
CA THR D 51 39.64 7.69 4.51
C THR D 51 39.31 7.91 5.98
N LEU D 52 39.80 7.02 6.85
CA LEU D 52 39.71 7.18 8.29
C LEU D 52 41.14 7.18 8.79
N ARG D 53 41.61 8.33 9.27
CA ARG D 53 43.01 8.48 9.60
C ARG D 53 43.33 7.84 10.95
N SER D 54 44.62 7.61 11.17
CA SER D 54 45.07 6.88 12.35
C SER D 54 44.99 7.72 13.62
N GLU D 55 45.06 9.05 13.49
CA GLU D 55 45.03 9.91 14.68
C GLU D 55 43.63 10.05 15.26
N GLY D 56 42.60 9.76 14.48
CA GLY D 56 41.25 9.81 15.02
C GLY D 56 40.82 8.56 15.75
N PHE D 57 41.48 7.43 15.49
CA PHE D 57 41.25 6.23 16.29
C PHE D 57 41.89 6.39 17.66
N ASP D 58 41.30 5.73 18.65
CA ASP D 58 41.84 5.83 20.01
C ASP D 58 43.12 5.00 20.17
N THR D 59 43.14 3.80 19.61
CA THR D 59 44.30 2.92 19.70
C THR D 59 44.48 2.25 18.35
N TYR D 60 45.52 2.64 17.62
CA TYR D 60 45.81 2.11 16.29
C TYR D 60 47.09 1.31 16.35
N ARG D 61 47.02 0.05 15.90
CA ARG D 61 48.16 -0.86 16.00
C ARG D 61 48.31 -1.66 14.72
N CYS D 62 48.18 -1.01 13.57
CA CYS D 62 48.37 -1.69 12.29
C CYS D 62 49.85 -1.92 12.03
N ASP D 63 50.16 -3.10 11.47
CA ASP D 63 51.54 -3.52 11.27
C ASP D 63 51.91 -3.79 9.82
N ARG D 64 50.95 -3.85 8.91
CA ARG D 64 51.21 -4.25 7.53
C ARG D 64 50.15 -3.57 6.68
N ASN D 65 50.37 -3.53 5.36
CA ASN D 65 49.37 -3.03 4.43
C ASN D 65 48.29 -4.11 4.24
N LEU D 66 47.34 -4.11 5.17
CA LEU D 66 46.24 -5.06 5.14
C LEU D 66 45.18 -4.64 4.12
N ALA D 67 44.79 -5.57 3.26
CA ALA D 67 43.71 -5.37 2.30
C ALA D 67 42.82 -6.61 2.33
N MET D 68 41.83 -6.61 3.22
CA MET D 68 40.92 -7.73 3.31
C MET D 68 39.69 -7.48 2.44
N GLY D 69 39.05 -8.56 2.01
CA GLY D 69 37.81 -8.46 1.27
C GLY D 69 36.61 -8.55 2.19
N VAL D 70 35.79 -7.51 2.20
CA VAL D 70 34.66 -7.40 3.12
C VAL D 70 33.38 -7.30 2.30
N ASN D 71 32.44 -8.21 2.57
CA ASN D 71 31.07 -8.02 2.11
C ASN D 71 30.45 -6.89 2.90
N LEU D 72 30.07 -5.80 2.21
CA LEU D 72 29.59 -4.61 2.90
C LEU D 72 28.17 -4.79 3.44
N THR D 73 27.39 -5.70 2.87
CA THR D 73 26.09 -6.03 3.44
C THR D 73 26.27 -6.83 4.73
N SER D 74 27.27 -7.72 4.75
CA SER D 74 27.54 -8.52 5.95
C SER D 74 28.21 -7.70 7.05
N MET D 75 29.01 -6.69 6.70
CA MET D 75 29.55 -5.79 7.70
C MET D 75 28.47 -4.87 8.28
N SER D 76 27.56 -4.37 7.43
CA SER D 76 26.52 -3.47 7.91
C SER D 76 25.43 -4.19 8.71
N LYS D 77 25.31 -5.50 8.56
CA LYS D 77 24.46 -6.26 9.47
C LYS D 77 25.07 -6.30 10.86
N ILE D 78 26.39 -6.53 10.95
CA ILE D 78 27.09 -6.58 12.23
C ILE D 78 27.23 -5.18 12.83
N LEU D 79 27.37 -4.15 11.98
CA LEU D 79 27.30 -2.79 12.49
C LEU D 79 25.89 -2.36 12.89
N LYS D 80 24.85 -3.09 12.46
CA LYS D 80 23.53 -2.91 13.06
C LYS D 80 23.42 -3.59 14.42
N CYS D 81 24.37 -4.46 14.78
CA CYS D 81 24.40 -5.11 16.09
C CYS D 81 25.22 -4.32 17.10
N ALA D 82 24.97 -3.01 17.21
CA ALA D 82 25.73 -2.17 18.11
C ALA D 82 24.90 -0.95 18.48
N GLY D 83 25.16 -0.43 19.68
CA GLY D 83 24.55 0.82 20.08
C GLY D 83 25.25 2.01 19.45
N ASN D 84 24.63 3.17 19.61
CA ASN D 84 25.13 4.40 19.02
C ASN D 84 26.28 5.02 19.80
N GLU D 85 26.59 4.50 21.00
CA GLU D 85 27.68 5.02 21.81
C GLU D 85 28.69 3.94 22.16
N ASP D 86 28.75 2.87 21.37
CA ASP D 86 29.58 1.72 21.70
C ASP D 86 31.05 1.99 21.42
N ILE D 87 31.91 1.15 22.00
CA ILE D 87 33.34 1.18 21.73
C ILE D 87 33.65 0.05 20.77
N ILE D 88 34.09 0.39 19.57
CA ILE D 88 34.30 -0.58 18.51
C ILE D 88 35.81 -0.82 18.38
N THR D 89 36.23 -2.07 18.55
CA THR D 89 37.62 -2.46 18.42
C THR D 89 37.71 -3.51 17.30
N LEU D 90 38.31 -3.12 16.17
CA LEU D 90 38.52 -4.08 15.10
C LEU D 90 39.78 -4.89 15.36
N ARG D 91 39.75 -6.15 14.93
CA ARG D 91 40.91 -7.02 15.03
C ARG D 91 41.04 -7.83 13.75
N ALA D 92 42.28 -8.21 13.42
CA ALA D 92 42.56 -9.06 12.27
C ALA D 92 43.73 -9.98 12.59
N GLU D 93 43.85 -11.05 11.81
CA GLU D 93 44.90 -12.05 12.03
C GLU D 93 45.60 -12.37 10.72
N ASP D 94 46.86 -12.80 10.85
CA ASP D 94 47.72 -13.02 9.68
C ASP D 94 47.36 -14.29 8.92
N ASN D 95 47.09 -15.39 9.63
CA ASN D 95 46.80 -16.65 8.96
C ASN D 95 45.32 -16.83 8.68
N ALA D 96 44.48 -16.50 9.65
CA ALA D 96 43.04 -16.61 9.48
C ALA D 96 42.51 -15.46 8.64
N ASP D 97 41.60 -15.76 7.72
CA ASP D 97 40.92 -14.75 6.93
C ASP D 97 39.65 -14.29 7.64
N THR D 98 39.84 -13.65 8.79
CA THR D 98 38.75 -13.29 9.68
C THR D 98 38.98 -11.89 10.23
N LEU D 99 37.99 -11.01 10.05
CA LEU D 99 38.02 -9.68 10.62
C LEU D 99 37.15 -9.67 11.87
N ALA D 100 37.78 -9.51 13.02
CA ALA D 100 37.07 -9.55 14.30
C ALA D 100 36.65 -8.15 14.72
N LEU D 101 35.49 -8.06 15.36
CA LEU D 101 34.92 -6.79 15.80
C LEU D 101 34.49 -6.98 17.25
N VAL D 102 35.05 -6.19 18.16
CA VAL D 102 34.67 -6.25 19.57
C VAL D 102 33.90 -4.98 19.91
N PHE D 103 32.67 -5.13 20.36
CA PHE D 103 31.82 -4.00 20.73
C PHE D 103 31.74 -3.94 22.25
N GLU D 104 32.14 -2.81 22.82
CA GLU D 104 32.10 -2.59 24.26
C GLU D 104 31.12 -1.48 24.58
N ALA D 105 30.18 -1.76 25.47
CA ALA D 105 29.29 -0.72 25.95
C ALA D 105 30.04 0.19 26.93
N PRO D 106 29.78 1.50 26.90
CA PRO D 106 30.55 2.40 27.80
C PRO D 106 30.08 2.36 29.24
N ASN D 107 28.77 2.23 29.49
CA ASN D 107 28.23 2.25 30.84
C ASN D 107 27.80 0.86 31.31
N GLN D 108 27.71 -0.09 30.39
CA GLN D 108 27.37 -1.47 30.72
C GLN D 108 28.61 -2.35 30.57
N GLU D 109 28.42 -3.66 30.69
CA GLU D 109 29.48 -4.63 30.53
C GLU D 109 29.07 -5.66 29.48
N LYS D 110 28.60 -5.16 28.33
CA LYS D 110 28.22 -6.00 27.20
C LYS D 110 29.39 -6.02 26.22
N VAL D 111 30.20 -7.06 26.30
CA VAL D 111 31.28 -7.27 25.34
C VAL D 111 30.74 -8.15 24.22
N SER D 112 30.64 -7.58 23.02
CA SER D 112 30.01 -8.25 21.89
C SER D 112 31.09 -8.57 20.86
N ASP D 113 31.72 -9.73 21.02
CA ASP D 113 32.78 -10.17 20.14
C ASP D 113 32.16 -10.73 18.85
N TYR D 114 32.32 -10.02 17.75
CA TYR D 114 31.81 -10.43 16.45
C TYR D 114 32.97 -10.74 15.53
N GLU D 115 32.87 -11.83 14.78
CA GLU D 115 33.89 -12.24 13.83
C GLU D 115 33.25 -12.33 12.45
N MET D 116 34.00 -11.96 11.41
CA MET D 116 33.50 -11.94 10.04
C MET D 116 34.23 -12.96 9.19
N LYS D 117 33.49 -13.79 8.49
CA LYS D 117 34.11 -14.63 7.47
C LYS D 117 34.37 -13.80 6.22
N LEU D 118 35.63 -13.66 5.85
CA LEU D 118 36.04 -12.85 4.72
C LEU D 118 36.24 -13.72 3.48
N MET D 119 36.54 -13.05 2.37
CA MET D 119 36.75 -13.72 1.10
C MET D 119 37.70 -12.88 0.26
N ASP D 120 38.30 -13.52 -0.74
CA ASP D 120 39.19 -12.85 -1.66
C ASP D 120 38.42 -12.30 -2.85
N LEU D 121 38.76 -11.09 -3.26
CA LEU D 121 38.10 -10.43 -4.39
C LEU D 121 39.16 -9.73 -5.23
N ASP D 122 38.68 -9.03 -6.27
CA ASP D 122 39.57 -8.32 -7.18
C ASP D 122 39.99 -7.00 -6.51
N VAL D 123 41.21 -6.98 -5.98
CA VAL D 123 41.74 -5.81 -5.31
C VAL D 123 42.14 -4.78 -6.37
N GLU D 124 41.28 -3.79 -6.58
CA GLU D 124 41.45 -2.80 -7.63
C GLU D 124 41.98 -1.50 -7.02
N GLN D 125 43.11 -1.02 -7.54
CA GLN D 125 43.65 0.29 -7.20
C GLN D 125 43.16 1.27 -8.25
N LEU D 126 42.13 2.04 -7.91
CA LEU D 126 41.54 2.97 -8.87
C LEU D 126 42.44 4.19 -9.09
N GLY D 127 42.94 4.79 -8.01
CA GLY D 127 43.94 5.82 -8.08
C GLY D 127 43.51 7.15 -8.68
N ILE D 128 42.57 7.84 -8.04
CA ILE D 128 42.12 9.13 -8.56
C ILE D 128 43.15 10.21 -8.24
N PRO D 129 43.49 11.09 -9.19
CA PRO D 129 44.40 12.20 -8.86
C PRO D 129 43.67 13.36 -8.18
N GLU D 130 44.38 14.08 -7.31
CA GLU D 130 43.82 15.30 -6.75
C GLU D 130 44.00 16.42 -7.77
N GLN D 131 42.98 17.27 -7.89
CA GLN D 131 43.01 18.37 -8.85
C GLN D 131 42.12 19.49 -8.33
N GLU D 132 42.23 20.64 -8.99
CA GLU D 132 41.51 21.84 -8.58
C GLU D 132 40.04 21.72 -8.92
N TYR D 133 39.23 22.51 -8.20
CA TYR D 133 37.78 22.42 -8.29
C TYR D 133 37.23 23.81 -8.46
N SER D 134 36.42 24.01 -9.52
CA SER D 134 35.98 25.35 -9.86
C SER D 134 34.89 25.86 -8.91
N CYS D 135 33.92 25.00 -8.58
CA CYS D 135 32.78 25.39 -7.74
C CYS D 135 32.73 24.49 -6.53
N VAL D 136 33.11 25.03 -5.36
CA VAL D 136 33.08 24.29 -4.11
C VAL D 136 31.90 24.81 -3.30
N VAL D 137 30.84 23.99 -3.21
CA VAL D 137 29.62 24.42 -2.53
C VAL D 137 29.47 23.68 -1.21
N LYS D 138 29.84 24.33 -0.12
CA LYS D 138 29.60 23.78 1.21
C LYS D 138 28.21 24.16 1.67
N MET D 139 27.42 23.16 2.04
CA MET D 139 26.03 23.38 2.44
C MET D 139 25.77 22.54 3.68
N PRO D 140 24.66 22.79 4.41
CA PRO D 140 24.23 21.81 5.42
C PRO D 140 23.89 20.46 4.81
N SER D 141 24.23 19.41 5.56
CA SER D 141 24.08 18.05 5.05
C SER D 141 22.63 17.59 5.06
N GLY D 142 21.85 18.02 6.05
CA GLY D 142 20.42 17.73 6.03
C GLY D 142 19.68 18.52 4.98
N GLU D 143 20.23 19.67 4.58
CA GLU D 143 19.68 20.40 3.44
C GLU D 143 19.95 19.64 2.14
N PHE D 144 21.13 19.05 2.00
CA PHE D 144 21.43 18.23 0.82
C PHE D 144 20.68 16.90 0.86
N ALA D 145 20.33 16.43 2.06
CA ALA D 145 19.48 15.25 2.17
C ALA D 145 18.08 15.53 1.67
N ARG D 146 17.59 16.76 1.87
CA ARG D 146 16.26 17.13 1.43
C ARG D 146 16.19 17.27 -0.08
N ILE D 147 17.15 18.01 -0.66
CA ILE D 147 17.09 18.46 -2.06
C ILE D 147 17.24 17.28 -3.03
N CYS D 148 18.11 16.31 -2.71
CA CYS D 148 18.18 15.09 -3.50
C CYS D 148 16.94 14.23 -3.33
N ARG D 149 16.32 14.24 -2.15
CA ARG D 149 15.06 13.54 -1.97
C ARG D 149 13.88 14.31 -2.55
N ASP D 150 13.95 15.65 -2.57
CA ASP D 150 12.85 16.45 -3.09
C ASP D 150 12.75 16.34 -4.61
N LEU D 151 13.89 16.40 -5.29
CA LEU D 151 13.91 16.35 -6.75
C LEU D 151 13.79 14.94 -7.30
N SER D 152 13.91 13.92 -6.46
CA SER D 152 13.75 12.55 -6.92
C SER D 152 12.30 12.17 -7.18
N HIS D 153 11.34 12.93 -6.66
CA HIS D 153 9.94 12.67 -6.96
C HIS D 153 9.56 13.11 -8.37
N ILE D 154 10.33 14.01 -8.98
CA ILE D 154 10.03 14.51 -10.32
C ILE D 154 10.63 13.59 -11.36
N GLY D 155 11.95 13.50 -11.38
CA GLY D 155 12.67 12.73 -12.38
C GLY D 155 13.95 12.19 -11.81
N ASP D 156 14.94 12.00 -12.68
CA ASP D 156 16.23 11.45 -12.29
C ASP D 156 17.38 12.26 -12.86
N ALA D 157 17.16 13.54 -13.11
CA ALA D 157 18.17 14.39 -13.73
C ALA D 157 18.22 15.73 -13.00
N VAL D 158 19.35 16.00 -12.34
CA VAL D 158 19.57 17.25 -11.62
C VAL D 158 20.70 18.01 -12.32
N VAL D 159 20.41 19.25 -12.72
CA VAL D 159 21.46 20.19 -13.11
C VAL D 159 21.79 21.04 -11.89
N ILE D 160 23.08 21.32 -11.70
CA ILE D 160 23.56 22.12 -10.57
C ILE D 160 24.22 23.36 -11.14
N SER D 161 23.62 24.52 -10.92
CA SER D 161 24.10 25.78 -11.47
C SER D 161 24.76 26.59 -10.35
N CYS D 162 25.94 27.11 -10.64
CA CYS D 162 26.69 27.90 -9.67
C CYS D 162 26.56 29.39 -9.94
N ALA D 163 26.48 30.15 -8.85
CA ALA D 163 26.55 31.60 -8.90
C ALA D 163 27.17 32.06 -7.58
N LYS D 164 27.62 33.32 -7.56
CA LYS D 164 28.12 33.89 -6.32
C LYS D 164 27.00 34.21 -5.35
N ASP D 165 25.79 34.44 -5.86
CA ASP D 165 24.64 34.74 -5.02
C ASP D 165 23.91 33.49 -4.54
N GLY D 166 24.25 32.31 -5.05
CA GLY D 166 23.60 31.10 -4.61
C GLY D 166 23.85 29.97 -5.57
N VAL D 167 23.30 28.80 -5.22
CA VAL D 167 23.41 27.60 -6.03
C VAL D 167 22.00 27.11 -6.36
N LYS D 168 21.80 26.69 -7.61
CA LYS D 168 20.50 26.25 -8.09
C LYS D 168 20.54 24.76 -8.38
N PHE D 169 19.61 24.03 -7.79
CA PHE D 169 19.36 22.62 -8.12
C PHE D 169 18.05 22.56 -8.87
N SER D 170 18.09 22.17 -10.14
CA SER D 170 16.89 22.10 -10.95
C SER D 170 16.73 20.68 -11.51
N ALA D 171 15.48 20.21 -11.51
CA ALA D 171 15.16 18.90 -12.05
C ALA D 171 13.89 19.00 -12.87
N SER D 172 13.77 18.12 -13.86
CA SER D 172 12.62 18.11 -14.74
C SER D 172 12.22 16.68 -15.02
N GLY D 173 10.96 16.50 -15.39
CA GLY D 173 10.46 15.18 -15.71
C GLY D 173 9.09 15.27 -16.34
N GLU D 174 8.46 14.09 -16.49
CA GLU D 174 7.10 14.04 -16.99
C GLU D 174 6.09 14.54 -15.97
N LEU D 175 6.43 14.47 -14.68
CA LEU D 175 5.52 14.95 -13.64
C LEU D 175 5.51 16.47 -13.58
N GLY D 176 6.64 17.10 -13.84
CA GLY D 176 6.72 18.55 -13.77
C GLY D 176 8.15 19.03 -13.88
N ASN D 177 8.39 20.22 -13.35
CA ASN D 177 9.69 20.87 -13.39
C ASN D 177 9.96 21.44 -12.00
N GLY D 178 11.18 21.24 -11.51
CA GLY D 178 11.57 21.75 -10.21
C GLY D 178 12.79 22.63 -10.33
N ASN D 179 12.95 23.55 -9.37
CA ASN D 179 14.10 24.44 -9.35
C ASN D 179 14.30 24.89 -7.90
N ILE D 180 15.26 24.29 -7.22
CA ILE D 180 15.57 24.64 -5.83
C ILE D 180 16.81 25.53 -5.84
N LYS D 181 16.64 26.77 -5.39
CA LYS D 181 17.72 27.74 -5.38
C LYS D 181 18.08 28.08 -3.94
N LEU D 182 19.34 27.86 -3.59
CA LEU D 182 19.85 28.25 -2.28
C LEU D 182 20.42 29.66 -2.35
N SER D 183 21.10 30.09 -1.28
CA SER D 183 21.76 31.39 -1.28
C SER D 183 23.00 31.29 -0.40
N GLN D 184 24.04 32.02 -0.80
CA GLN D 184 25.30 32.04 -0.07
C GLN D 184 25.13 32.92 1.16
N THR D 185 24.66 32.31 2.24
CA THR D 185 24.37 33.02 3.48
C THR D 185 25.66 33.19 4.27
N SER D 186 26.24 34.38 4.24
CA SER D 186 27.45 34.68 4.99
C SER D 186 27.18 35.32 6.34
N ASN D 187 25.93 35.60 6.68
CA ASN D 187 25.57 36.23 7.93
C ASN D 187 25.17 35.25 9.02
N VAL D 188 25.20 33.95 8.76
CA VAL D 188 24.86 32.96 9.75
C VAL D 188 26.06 32.76 10.67
N ASP D 189 25.82 32.84 11.98
CA ASP D 189 26.90 32.71 12.96
C ASP D 189 27.40 31.28 13.08
N LYS D 190 26.49 30.31 13.04
CA LYS D 190 26.90 28.91 13.08
C LYS D 190 27.34 28.45 11.70
N GLU D 191 28.12 27.37 11.68
CA GLU D 191 28.63 26.82 10.44
C GLU D 191 27.83 25.63 9.93
N GLU D 192 26.88 25.12 10.73
CA GLU D 192 26.04 24.01 10.30
C GLU D 192 24.80 24.46 9.56
N GLU D 193 24.57 25.76 9.44
CA GLU D 193 23.44 26.28 8.69
C GLU D 193 23.84 27.12 7.49
N ALA D 194 25.05 27.70 7.49
CA ALA D 194 25.48 28.60 6.43
C ALA D 194 25.86 27.83 5.18
N VAL D 195 25.50 28.39 4.02
CA VAL D 195 25.93 27.87 2.73
C VAL D 195 27.07 28.75 2.23
N THR D 196 28.22 28.14 1.94
CA THR D 196 29.41 28.86 1.53
C THR D 196 29.87 28.33 0.18
N ILE D 197 29.92 29.22 -0.82
CA ILE D 197 30.30 28.86 -2.18
C ILE D 197 31.57 29.61 -2.54
N GLU D 198 32.59 28.86 -2.97
CA GLU D 198 33.84 29.43 -3.48
C GLU D 198 33.91 29.08 -4.96
N MET D 199 33.48 30.01 -5.81
CA MET D 199 33.33 29.79 -7.24
C MET D 199 34.15 30.81 -8.01
N ASN D 200 34.77 30.36 -9.09
CA ASN D 200 35.40 31.27 -10.04
C ASN D 200 34.91 31.07 -11.46
N GLU D 201 34.62 29.83 -11.86
CA GLU D 201 34.06 29.52 -13.17
C GLU D 201 32.66 28.96 -12.98
N PRO D 202 31.62 29.60 -13.51
CA PRO D 202 30.27 29.04 -13.41
C PRO D 202 30.11 27.77 -14.24
N VAL D 203 29.27 26.87 -13.75
CA VAL D 203 29.19 25.52 -14.30
C VAL D 203 27.77 24.99 -14.10
N GLN D 204 27.26 24.29 -15.11
CA GLN D 204 25.90 23.74 -15.08
C GLN D 204 25.88 22.46 -15.90
N LEU D 205 25.66 21.33 -15.24
CA LEU D 205 25.68 20.04 -15.93
C LEU D 205 24.82 19.04 -15.19
N THR D 206 24.38 18.02 -15.93
CA THR D 206 23.26 17.15 -15.53
C THR D 206 23.80 15.94 -14.77
N PHE D 207 23.23 15.63 -13.61
CA PHE D 207 23.61 14.45 -12.86
C PHE D 207 22.42 13.54 -12.61
N ALA D 208 22.72 12.26 -12.43
CA ALA D 208 21.71 11.26 -12.10
C ALA D 208 21.27 11.41 -10.65
N LEU D 209 20.11 10.83 -10.33
CA LEU D 209 19.54 10.93 -8.98
C LEU D 209 19.47 9.61 -8.24
N ARG D 210 19.60 8.47 -8.93
CA ARG D 210 19.61 7.18 -8.23
C ARG D 210 20.88 7.00 -7.42
N TYR D 211 21.98 7.61 -7.85
CA TYR D 211 23.23 7.57 -7.09
C TYR D 211 23.39 8.73 -6.15
N LEU D 212 22.71 9.86 -6.39
CA LEU D 212 22.73 10.96 -5.43
C LEU D 212 21.86 10.68 -4.22
N ASN D 213 20.84 9.83 -4.35
CA ASN D 213 20.04 9.43 -3.20
C ASN D 213 20.82 8.49 -2.28
N PHE D 214 21.67 7.64 -2.85
CA PHE D 214 22.56 6.82 -2.03
C PHE D 214 23.72 7.62 -1.46
N PHE D 215 24.03 8.77 -2.06
CA PHE D 215 25.07 9.63 -1.51
C PHE D 215 24.58 10.38 -0.27
N THR D 216 23.26 10.59 -0.18
CA THR D 216 22.67 11.30 0.94
C THR D 216 22.25 10.38 2.08
N LYS D 217 22.78 9.16 2.10
CA LYS D 217 22.67 8.29 3.26
C LYS D 217 23.84 8.46 4.20
N ALA D 218 24.83 9.27 3.83
CA ALA D 218 25.95 9.62 4.69
C ALA D 218 25.73 10.93 5.43
N THR D 219 24.54 11.50 5.34
CA THR D 219 24.18 12.70 6.08
C THR D 219 24.16 12.64 7.62
N PRO D 220 23.97 11.51 8.32
CA PRO D 220 24.23 11.56 9.78
C PRO D 220 25.71 11.52 10.17
N LEU D 221 26.64 11.37 9.23
CA LEU D 221 28.05 11.32 9.59
C LEU D 221 28.58 12.69 9.99
N SER D 222 28.16 13.74 9.28
CA SER D 222 28.55 15.09 9.61
C SER D 222 27.41 16.02 9.22
N SER D 223 27.40 17.19 9.83
CA SER D 223 26.38 18.19 9.56
C SER D 223 26.68 19.03 8.33
N THR D 224 27.90 18.96 7.81
CA THR D 224 28.31 19.73 6.64
C THR D 224 28.71 18.78 5.52
N VAL D 225 28.31 19.12 4.30
CA VAL D 225 28.76 18.43 3.09
C VAL D 225 29.23 19.49 2.10
N THR D 226 30.33 19.21 1.40
CA THR D 226 30.89 20.12 0.42
C THR D 226 30.76 19.48 -0.96
N LEU D 227 30.25 20.24 -1.92
CA LEU D 227 30.09 19.77 -3.29
C LEU D 227 31.11 20.49 -4.18
N SER D 228 32.10 19.73 -4.66
CA SER D 228 33.15 20.26 -5.53
C SER D 228 33.04 19.60 -6.90
N MET D 229 33.04 20.41 -7.95
CA MET D 229 32.88 19.91 -9.31
C MET D 229 33.48 20.89 -10.31
N SER D 230 33.47 20.49 -11.57
CA SER D 230 33.90 21.33 -12.68
C SER D 230 33.10 20.94 -13.92
N ALA D 231 33.59 21.35 -15.10
CA ALA D 231 32.82 21.18 -16.34
C ALA D 231 32.82 19.73 -16.83
N ASP D 232 33.94 19.03 -16.70
CA ASP D 232 34.02 17.62 -17.09
C ASP D 232 34.45 16.72 -15.93
N VAL D 233 34.65 17.29 -14.76
CA VAL D 233 35.10 16.56 -13.58
C VAL D 233 33.86 16.02 -12.87
N PRO D 234 33.88 14.77 -12.39
CA PRO D 234 32.79 14.28 -11.53
C PRO D 234 32.71 15.03 -10.21
N LEU D 235 31.49 15.12 -9.69
CA LEU D 235 31.21 15.91 -8.49
C LEU D 235 31.70 15.17 -7.25
N VAL D 236 32.40 15.90 -6.39
CA VAL D 236 32.87 15.37 -5.11
C VAL D 236 31.84 15.71 -4.05
N VAL D 237 31.07 14.71 -3.62
CA VAL D 237 30.15 14.85 -2.49
C VAL D 237 30.97 14.41 -1.28
N GLU D 238 31.60 15.37 -0.62
CA GLU D 238 32.58 15.09 0.43
C GLU D 238 31.98 15.34 1.81
N TYR D 239 32.03 14.31 2.64
CA TYR D 239 31.60 14.37 4.03
C TYR D 239 32.85 14.49 4.92
N LYS D 240 32.64 14.59 6.23
CA LYS D 240 33.77 14.87 7.11
C LYS D 240 34.13 13.72 8.03
N ILE D 241 33.15 12.93 8.48
CA ILE D 241 33.22 11.84 9.47
C ILE D 241 33.88 12.36 10.74
N ALA D 242 33.21 13.34 11.38
CA ALA D 242 33.64 14.10 12.58
C ALA D 242 34.98 14.77 12.27
N ASP D 243 36.08 14.33 12.89
CA ASP D 243 37.42 14.79 12.54
C ASP D 243 38.28 13.67 11.99
N MET D 244 37.69 12.55 11.59
CA MET D 244 38.44 11.37 11.17
C MET D 244 38.38 11.27 9.66
N GLY D 245 39.29 11.97 9.00
CA GLY D 245 39.40 11.86 7.55
C GLY D 245 38.28 12.58 6.83
N HIS D 246 37.65 11.85 5.90
CA HIS D 246 36.71 12.36 4.89
C HIS D 246 36.07 11.16 4.20
N LEU D 247 34.92 11.39 3.56
CA LEU D 247 34.25 10.40 2.72
C LEU D 247 33.94 11.05 1.38
N LYS D 248 34.71 10.71 0.35
CA LYS D 248 34.53 11.28 -0.97
C LYS D 248 33.60 10.40 -1.79
N TYR D 249 32.55 11.01 -2.33
CA TYR D 249 31.63 10.35 -3.25
C TYR D 249 31.82 11.02 -4.61
N TYR D 250 32.20 10.25 -5.62
CA TYR D 250 32.29 10.77 -6.98
C TYR D 250 31.10 10.30 -7.80
N LEU D 251 30.57 11.19 -8.64
CA LEU D 251 29.48 10.82 -9.54
C LEU D 251 29.77 11.36 -10.92
N ALA D 252 29.91 10.46 -11.89
CA ALA D 252 30.09 10.87 -13.28
C ALA D 252 28.78 11.44 -13.83
N PRO D 253 28.83 12.58 -14.53
CA PRO D 253 27.59 13.18 -15.04
C PRO D 253 27.04 12.41 -16.24
N LYS D 254 25.79 12.74 -16.58
CA LYS D 254 25.12 12.09 -17.69
C LYS D 254 25.58 12.68 -19.03
#